data_7KW0
#
_entry.id   7KW0
#
_cell.length_a   105.300
_cell.length_b   105.508
_cell.length_c   107.917
_cell.angle_alpha   90.000
_cell.angle_beta   90.000
_cell.angle_gamma   90.000
#
_symmetry.space_group_name_H-M   'P 21 21 21'
#
loop_
_entity.id
_entity.type
_entity.pdbx_description
1 polymer 'PCP-C didomain'
2 non-polymer N-{2-[(2-aminoethyl)sulfanyl]ethyl}-N~3~-[(2R)-2-hydroxy-3,3-dimethyl-4-(phosphonooxy)butanoyl]-beta-alaninamide
3 water water
#
_entity_poly.entity_id   1
_entity_poly.type   'polypeptide(L)'
_entity_poly.pdbx_seq_one_letter_code
;VTAYEEIVCQVFAAVLDRSDVTADADFFALGGHSLLSLRVVARLRALLGVDVGVRDLFEAPTPAALAARLTTQTGRRPAV
TRRGPDAPPVLSHFQRRLWLIEQVYQTRGAYNVPLAVHVSDRLDLDVLRAAVRDLVARHEVLRTLVRSSDDGPDPVLLAP
EDAAVDVAEVQAAGPVADLLAELTAQPFDLATQIPLRVRMITGEQVDGCVLLLVCHHIAADEWSFAPLLRDLDTAYRARA
AGRAPDWEPLPAQYSDYAATLHDWLGEATDPASPLRRQLDYWQHALQDLPDELDLPTDRPRPATASHRGGLARAELPPEL
VEAVRRLAAQHGVTVFMVVQAAVAVLLHRLGAGDDIPLGSPVADRADEAVHDTVGFFLNTLVLRVNLSGNPTFADLLDRV
RAVDLEAFARADAPFDAVVDTVKPPRAVSRHPLFQTMVSYQRRPSDVDRLFGAATRLVEVPLDTAKFDLEFAFIEDGHGG
AHIALNYAADLFDHDSAEQLVARLRTVLEHACADPCRPVAGVEVVSGA
;
_entity_poly.pdbx_strand_id   A,B
#
loop_
_chem_comp.id
_chem_comp.type
_chem_comp.name
_chem_comp.formula
XAG non-polymer N-{2-[(2-aminoethyl)sulfanyl]ethyl}-N~3~-[(2R)-2-hydroxy-3,3-dimethyl-4-(phosphonooxy)butanoyl]-beta-alaninamide 'C13 H28 N3 O7 P S'
#
# COMPACT_ATOMS: atom_id res chain seq x y z
N VAL A 1 -12.71 -11.17 3.57
CA VAL A 1 -11.95 -12.11 2.74
C VAL A 1 -11.75 -13.42 3.49
N THR A 2 -12.27 -14.52 2.93
CA THR A 2 -12.15 -15.83 3.58
C THR A 2 -10.75 -16.41 3.46
N ALA A 3 -9.94 -15.96 2.50
CA ALA A 3 -8.66 -16.60 2.21
C ALA A 3 -7.69 -16.53 3.39
N TYR A 4 -7.70 -15.44 4.15
CA TYR A 4 -6.86 -15.37 5.35
C TYR A 4 -7.22 -16.49 6.32
N GLU A 5 -8.51 -16.74 6.50
CA GLU A 5 -8.96 -17.79 7.40
C GLU A 5 -8.45 -19.15 6.95
N GLU A 6 -8.57 -19.46 5.65
CA GLU A 6 -8.14 -20.77 5.17
C GLU A 6 -6.64 -20.98 5.37
N ILE A 7 -5.85 -19.92 5.18
CA ILE A 7 -4.40 -20.05 5.34
C ILE A 7 -4.03 -20.27 6.80
N VAL A 8 -4.71 -19.59 7.73
CA VAL A 8 -4.45 -19.82 9.14
C VAL A 8 -4.75 -21.28 9.51
N CYS A 9 -5.94 -21.76 9.12
CA CYS A 9 -6.28 -23.17 9.35
C CYS A 9 -5.21 -24.09 8.81
N GLN A 10 -4.72 -23.79 7.61
CA GLN A 10 -3.64 -24.57 7.00
C GLN A 10 -2.42 -24.61 7.91
N VAL A 11 -2.06 -23.48 8.51
CA VAL A 11 -0.87 -23.41 9.33
C VAL A 11 -1.09 -24.13 10.66
N PHE A 12 -2.24 -23.93 11.29
CA PHE A 12 -2.58 -24.68 12.50
C PHE A 12 -2.42 -26.17 12.29
N ALA A 13 -2.92 -26.67 11.16
CA ALA A 13 -2.90 -28.11 10.91
C ALA A 13 -1.47 -28.64 10.78
N ALA A 14 -0.63 -27.94 10.01
CA ALA A 14 0.74 -28.39 9.84
C ALA A 14 1.55 -28.29 11.13
N VAL A 15 1.24 -27.30 11.97
CA VAL A 15 2.01 -27.08 13.19
C VAL A 15 1.54 -27.99 14.32
N LEU A 16 0.23 -28.14 14.50
CA LEU A 16 -0.30 -29.02 15.52
C LEU A 16 -0.39 -30.47 15.07
N ASP A 17 -0.11 -30.75 13.80
CA ASP A 17 -0.14 -32.12 13.25
C ASP A 17 -1.52 -32.75 13.45
N ARG A 18 -2.55 -32.03 13.01
CA ARG A 18 -3.92 -32.52 13.10
C ARG A 18 -4.65 -32.24 11.79
N SER A 19 -5.69 -33.05 11.55
CA SER A 19 -6.65 -32.79 10.49
C SER A 19 -7.97 -32.41 11.16
N ASP A 20 -7.93 -31.36 11.97
CA ASP A 20 -8.94 -31.08 12.98
C ASP A 20 -9.45 -29.64 12.94
N VAL A 21 -8.76 -28.75 12.23
CA VAL A 21 -8.87 -27.32 12.46
C VAL A 21 -10.04 -26.74 11.67
N THR A 22 -10.93 -26.05 12.37
CA THR A 22 -11.98 -25.25 11.77
C THR A 22 -11.77 -23.79 12.13
N ALA A 23 -12.70 -22.94 11.68
CA ALA A 23 -12.56 -21.50 11.87
C ALA A 23 -12.64 -21.11 13.34
N ASP A 24 -13.31 -21.93 14.16
CA ASP A 24 -13.54 -21.61 15.56
C ASP A 24 -12.66 -22.39 16.52
N ALA A 25 -11.70 -23.15 16.01
CA ALA A 25 -10.87 -24.00 16.86
C ALA A 25 -9.83 -23.15 17.58
N ASP A 26 -9.78 -23.25 18.90
CA ASP A 26 -8.81 -22.51 19.69
C ASP A 26 -7.46 -23.19 19.59
N PHE A 27 -6.45 -22.43 19.14
CA PHE A 27 -5.09 -22.95 19.01
C PHE A 27 -4.62 -23.64 20.30
N PHE A 28 -4.87 -23.01 21.45
CA PHE A 28 -4.35 -23.56 22.70
C PHE A 28 -5.16 -24.77 23.16
N ALA A 29 -6.45 -24.82 22.83
CA ALA A 29 -7.25 -26.00 23.15
C ALA A 29 -6.84 -27.18 22.29
N LEU A 30 -6.30 -26.93 21.10
CA LEU A 30 -5.91 -27.98 20.17
C LEU A 30 -4.55 -28.58 20.49
N GLY A 31 -3.92 -28.19 21.59
CA GLY A 31 -2.60 -28.65 21.92
C GLY A 31 -1.49 -27.65 21.67
N GLY A 32 -1.83 -26.42 21.25
CA GLY A 32 -0.81 -25.39 21.09
C GLY A 32 -0.47 -24.72 22.40
N HIS A 33 0.71 -24.11 22.43
CA HIS A 33 1.19 -23.39 23.60
C HIS A 33 2.18 -22.34 23.13
N SER A 34 2.79 -21.64 24.10
CA SER A 34 3.66 -20.51 23.77
C SER A 34 4.82 -20.95 22.85
N LEU A 35 5.39 -22.13 23.11
CA LEU A 35 6.51 -22.57 22.30
C LEU A 35 6.10 -22.82 20.85
N LEU A 36 5.03 -23.58 20.64
CA LEU A 36 4.57 -23.87 19.28
C LEU A 36 4.04 -22.63 18.57
N SER A 37 3.61 -21.61 19.32
CA SER A 37 3.12 -20.39 18.70
C SER A 37 4.19 -19.73 17.85
N LEU A 38 5.46 -19.93 18.20
CA LEU A 38 6.55 -19.40 17.38
C LEU A 38 6.46 -19.93 15.95
N ARG A 39 6.11 -21.20 15.79
CA ARG A 39 6.10 -21.79 14.45
C ARG A 39 4.90 -21.30 13.65
N VAL A 40 3.75 -21.11 14.30
CA VAL A 40 2.60 -20.50 13.62
C VAL A 40 2.96 -19.11 13.14
N VAL A 41 3.52 -18.29 14.03
CA VAL A 41 3.89 -16.92 13.69
C VAL A 41 4.87 -16.90 12.52
N ALA A 42 5.90 -17.74 12.60
CA ALA A 42 6.92 -17.75 11.55
C ALA A 42 6.31 -18.12 10.19
N ARG A 43 5.49 -19.17 10.15
CA ARG A 43 4.92 -19.62 8.88
C ARG A 43 3.94 -18.59 8.32
N LEU A 44 3.13 -17.97 9.18
CA LEU A 44 2.18 -16.96 8.70
C LEU A 44 2.91 -15.76 8.13
N ARG A 45 4.04 -15.37 8.74
CA ARG A 45 4.84 -14.27 8.19
C ARG A 45 5.30 -14.59 6.78
N ALA A 46 5.73 -15.82 6.52
CA ALA A 46 6.24 -16.17 5.20
C ALA A 46 5.14 -16.31 4.16
N LEU A 47 3.95 -16.76 4.57
CA LEU A 47 2.85 -16.98 3.62
C LEU A 47 2.03 -15.72 3.36
N LEU A 48 1.74 -14.93 4.40
CA LEU A 48 0.90 -13.74 4.24
C LEU A 48 1.71 -12.47 4.04
N GLY A 49 2.99 -12.48 4.38
CA GLY A 49 3.83 -11.30 4.21
C GLY A 49 3.43 -10.12 5.06
N VAL A 50 2.88 -10.35 6.25
CA VAL A 50 2.56 -9.28 7.19
C VAL A 50 3.20 -9.60 8.53
N ASP A 51 3.39 -8.55 9.33
CA ASP A 51 3.96 -8.71 10.66
C ASP A 51 2.97 -9.40 11.57
N VAL A 52 3.24 -10.65 11.94
CA VAL A 52 2.46 -11.35 12.94
C VAL A 52 3.38 -11.68 14.10
N GLY A 53 2.85 -11.63 15.32
CA GLY A 53 3.60 -12.01 16.49
C GLY A 53 2.75 -12.87 17.40
N VAL A 54 3.42 -13.49 18.36
CA VAL A 54 2.73 -14.23 19.42
C VAL A 54 1.60 -13.39 20.00
N ARG A 55 1.81 -12.06 20.07
CA ARG A 55 0.78 -11.11 20.48
C ARG A 55 -0.58 -11.37 19.83
N ASP A 56 -0.59 -11.49 18.50
CA ASP A 56 -1.86 -11.64 17.79
C ASP A 56 -2.48 -13.01 18.06
N LEU A 57 -1.67 -14.06 18.15
CA LEU A 57 -2.20 -15.39 18.41
C LEU A 57 -2.80 -15.48 19.81
N PHE A 58 -2.20 -14.80 20.79
CA PHE A 58 -2.77 -14.77 22.13
C PHE A 58 -4.15 -14.11 22.12
N GLU A 59 -4.24 -12.91 21.52
CA GLU A 59 -5.49 -12.17 21.50
C GLU A 59 -6.52 -12.86 20.64
N ALA A 60 -6.09 -13.47 19.53
CA ALA A 60 -6.98 -14.06 18.55
C ALA A 60 -6.55 -15.51 18.29
N PRO A 61 -6.92 -16.42 19.19
CA PRO A 61 -6.44 -17.80 19.10
C PRO A 61 -7.20 -18.67 18.11
N THR A 62 -8.24 -18.15 17.45
CA THR A 62 -8.94 -18.95 16.45
C THR A 62 -8.59 -18.45 15.05
N PRO A 63 -8.61 -19.33 14.05
CA PRO A 63 -8.38 -18.88 12.67
C PRO A 63 -9.28 -17.74 12.25
N ALA A 64 -10.57 -17.78 12.63
CA ALA A 64 -11.48 -16.70 12.29
C ALA A 64 -11.06 -15.39 12.93
N ALA A 65 -10.81 -15.41 14.24
CA ALA A 65 -10.43 -14.19 14.93
C ALA A 65 -9.05 -13.71 14.48
N LEU A 66 -8.10 -14.63 14.31
CA LEU A 66 -6.75 -14.24 13.91
C LEU A 66 -6.77 -13.60 12.53
N ALA A 67 -7.50 -14.20 11.58
CA ALA A 67 -7.57 -13.65 10.23
C ALA A 67 -8.19 -12.25 10.24
N ALA A 68 -9.30 -12.06 10.98
CA ALA A 68 -9.92 -10.75 11.05
C ALA A 68 -9.04 -9.75 11.78
N ARG A 69 -8.20 -10.22 12.71
CA ARG A 69 -7.39 -9.30 13.50
C ARG A 69 -6.30 -8.64 12.66
N LEU A 70 -5.51 -9.42 11.94
CA LEU A 70 -4.38 -8.89 11.19
C LEU A 70 -4.77 -8.27 9.85
N THR A 71 -6.03 -7.89 9.67
CA THR A 71 -6.46 -7.22 8.43
C THR A 71 -7.27 -5.95 8.71
N ARG A 77 -10.98 -0.42 11.08
CA ARG A 77 -12.38 -0.60 10.67
C ARG A 77 -13.23 -1.04 11.86
N PRO A 78 -14.29 -0.28 12.14
CA PRO A 78 -15.06 -0.53 13.36
C PRO A 78 -15.87 -1.82 13.26
N ALA A 79 -16.16 -2.39 14.43
CA ALA A 79 -17.02 -3.56 14.50
C ALA A 79 -18.46 -3.15 14.21
N VAL A 80 -19.23 -4.11 13.69
CA VAL A 80 -20.65 -3.86 13.43
C VAL A 80 -21.36 -3.65 14.76
N THR A 81 -22.09 -2.54 14.86
CA THR A 81 -22.92 -2.24 16.01
C THR A 81 -24.39 -2.34 15.64
N ARG A 82 -25.19 -2.90 16.53
CA ARG A 82 -26.62 -2.95 16.31
C ARG A 82 -27.23 -1.59 16.65
N ARG A 83 -28.05 -1.08 15.75
CA ARG A 83 -28.72 0.18 15.98
C ARG A 83 -30.00 -0.05 16.78
N GLY A 84 -30.73 1.02 17.06
CA GLY A 84 -31.90 0.95 17.90
C GLY A 84 -33.04 0.16 17.28
N PRO A 85 -34.09 -0.09 18.05
CA PRO A 85 -35.22 -0.87 17.51
C PRO A 85 -35.99 -0.15 16.43
N ASP A 86 -36.00 1.18 16.46
CA ASP A 86 -36.69 1.97 15.45
C ASP A 86 -35.85 2.20 14.20
N ALA A 87 -34.69 1.57 14.10
CA ALA A 87 -33.71 1.95 13.10
C ALA A 87 -34.24 1.68 11.69
N PRO A 88 -34.17 2.65 10.78
CA PRO A 88 -34.65 2.43 9.42
C PRO A 88 -33.68 1.55 8.65
N PRO A 89 -34.14 0.88 7.60
CA PRO A 89 -33.24 0.04 6.80
C PRO A 89 -32.26 0.88 6.01
N VAL A 90 -31.11 0.29 5.71
CA VAL A 90 -30.11 0.92 4.85
C VAL A 90 -29.63 -0.12 3.85
N LEU A 91 -29.61 0.25 2.57
CA LEU A 91 -29.15 -0.65 1.54
C LEU A 91 -27.63 -0.61 1.46
N SER A 92 -27.00 -1.79 1.47
CA SER A 92 -25.58 -1.83 1.19
C SER A 92 -25.33 -1.52 -0.29
N HIS A 93 -24.11 -1.11 -0.61
CA HIS A 93 -23.77 -0.89 -2.00
C HIS A 93 -23.90 -2.18 -2.80
N PHE A 94 -23.74 -3.34 -2.14
CA PHE A 94 -24.02 -4.61 -2.81
C PHE A 94 -25.45 -4.67 -3.30
N GLN A 95 -26.40 -4.35 -2.41
CA GLN A 95 -27.81 -4.41 -2.78
C GLN A 95 -28.13 -3.40 -3.87
N ARG A 96 -27.59 -2.19 -3.76
CA ARG A 96 -27.82 -1.19 -4.78
C ARG A 96 -27.31 -1.65 -6.14
N ARG A 97 -26.15 -2.31 -6.17
CA ARG A 97 -25.62 -2.80 -7.44
C ARG A 97 -26.47 -3.93 -8.01
N LEU A 98 -26.95 -4.82 -7.14
CA LEU A 98 -27.80 -5.93 -7.60
C LEU A 98 -29.12 -5.42 -8.11
N TRP A 99 -29.67 -4.38 -7.47
CA TRP A 99 -30.84 -3.72 -8.02
C TRP A 99 -30.53 -3.09 -9.38
N LEU A 100 -29.37 -2.45 -9.49
CA LEU A 100 -28.99 -1.80 -10.74
C LEU A 100 -28.84 -2.80 -11.89
N ILE A 101 -28.27 -3.97 -11.61
CA ILE A 101 -28.13 -5.01 -12.62
C ILE A 101 -29.48 -5.36 -13.22
N GLU A 102 -30.52 -5.43 -12.39
CA GLU A 102 -31.84 -5.81 -12.88
C GLU A 102 -32.50 -4.69 -13.70
N GLN A 103 -32.05 -3.45 -13.55
CA GLN A 103 -32.55 -2.37 -14.40
C GLN A 103 -31.81 -2.32 -15.74
N VAL A 104 -30.50 -2.58 -15.72
CA VAL A 104 -29.72 -2.50 -16.94
C VAL A 104 -30.05 -3.66 -17.89
N TYR A 105 -30.34 -4.84 -17.34
CA TYR A 105 -30.57 -6.04 -18.14
C TYR A 105 -31.91 -6.68 -17.81
N GLN A 106 -32.38 -7.50 -18.75
CA GLN A 106 -33.41 -8.49 -18.48
C GLN A 106 -32.66 -9.78 -18.14
N THR A 107 -32.43 -10.00 -16.85
CA THR A 107 -31.57 -11.09 -16.40
C THR A 107 -32.25 -12.46 -16.48
N ARG A 108 -33.57 -12.52 -16.67
CA ARG A 108 -34.30 -13.78 -16.75
C ARG A 108 -34.11 -14.64 -15.49
N GLY A 109 -33.94 -14.00 -14.34
CA GLY A 109 -33.74 -14.73 -13.11
C GLY A 109 -32.32 -15.16 -12.84
N ALA A 110 -31.34 -14.64 -13.58
CA ALA A 110 -29.96 -15.06 -13.39
C ALA A 110 -29.43 -14.71 -12.01
N TYR A 111 -30.03 -13.71 -11.35
CA TYR A 111 -29.57 -13.29 -10.03
C TYR A 111 -30.48 -13.79 -8.91
N ASN A 112 -31.31 -14.79 -9.19
CA ASN A 112 -31.90 -15.60 -8.14
C ASN A 112 -30.92 -16.71 -7.77
N VAL A 113 -30.90 -17.09 -6.49
CA VAL A 113 -30.02 -18.12 -6.00
C VAL A 113 -30.88 -19.23 -5.40
N PRO A 114 -30.72 -20.48 -5.83
CA PRO A 114 -31.58 -21.54 -5.31
C PRO A 114 -30.90 -22.33 -4.21
N LEU A 115 -31.70 -22.88 -3.32
CA LEU A 115 -31.23 -23.85 -2.33
C LEU A 115 -32.30 -24.93 -2.25
N ALA A 116 -31.95 -26.15 -2.68
CA ALA A 116 -32.93 -27.21 -2.79
C ALA A 116 -32.53 -28.38 -1.91
N VAL A 117 -33.47 -28.84 -1.08
CA VAL A 117 -33.22 -29.89 -0.10
C VAL A 117 -34.22 -31.01 -0.32
N HIS A 118 -33.73 -32.21 -0.60
CA HIS A 118 -34.60 -33.37 -0.62
C HIS A 118 -34.92 -33.79 0.81
N VAL A 119 -36.21 -34.05 1.08
CA VAL A 119 -36.68 -34.45 2.40
C VAL A 119 -37.44 -35.76 2.25
N SER A 120 -37.17 -36.70 3.16
CA SER A 120 -37.81 -38.01 3.08
C SER A 120 -39.28 -37.98 3.46
N ASP A 121 -39.71 -37.03 4.29
CA ASP A 121 -41.13 -36.82 4.57
C ASP A 121 -41.61 -35.59 3.79
N ARG A 122 -42.80 -35.70 3.20
CA ARG A 122 -43.50 -34.51 2.74
C ARG A 122 -43.79 -33.63 3.93
N LEU A 123 -43.34 -32.38 3.87
CA LEU A 123 -43.53 -31.49 5.02
C LEU A 123 -44.96 -30.98 5.06
N ASP A 124 -45.36 -30.50 6.23
CA ASP A 124 -46.68 -29.89 6.42
C ASP A 124 -46.64 -28.47 5.90
N LEU A 125 -47.50 -28.17 4.92
CA LEU A 125 -47.45 -26.88 4.24
C LEU A 125 -47.85 -25.73 5.17
N ASP A 126 -48.75 -25.98 6.13
CA ASP A 126 -49.16 -24.93 7.05
C ASP A 126 -48.08 -24.65 8.10
N VAL A 127 -47.42 -25.70 8.60
CA VAL A 127 -46.28 -25.48 9.50
C VAL A 127 -45.14 -24.80 8.74
N LEU A 128 -44.90 -25.24 7.50
CA LEU A 128 -43.83 -24.66 6.69
C LEU A 128 -44.05 -23.17 6.48
N ARG A 129 -45.29 -22.80 6.12
CA ARG A 129 -45.59 -21.38 5.93
C ARG A 129 -45.38 -20.60 7.22
N ALA A 130 -45.77 -21.18 8.35
CA ALA A 130 -45.53 -20.54 9.64
C ALA A 130 -44.04 -20.37 9.90
N ALA A 131 -43.24 -21.39 9.59
CA ALA A 131 -41.81 -21.32 9.83
C ALA A 131 -41.14 -20.27 8.95
N VAL A 132 -41.56 -20.17 7.69
CA VAL A 132 -41.02 -19.14 6.81
C VAL A 132 -41.32 -17.75 7.36
N ARG A 133 -42.53 -17.55 7.87
CA ARG A 133 -42.86 -16.26 8.49
C ARG A 133 -41.92 -15.96 9.65
N ASP A 134 -41.63 -16.96 10.49
CA ASP A 134 -40.66 -16.76 11.56
C ASP A 134 -39.28 -16.41 10.99
N LEU A 135 -38.86 -17.14 9.96
CA LEU A 135 -37.58 -16.86 9.32
C LEU A 135 -37.51 -15.42 8.84
N VAL A 136 -38.59 -14.95 8.20
CA VAL A 136 -38.61 -13.60 7.65
C VAL A 136 -38.69 -12.56 8.76
N ALA A 137 -39.42 -12.87 9.84
CA ALA A 137 -39.46 -11.96 10.98
C ALA A 137 -38.09 -11.79 11.60
N ARG A 138 -37.29 -12.86 11.61
CA ARG A 138 -35.98 -12.82 12.26
C ARG A 138 -34.95 -12.03 11.46
N HIS A 139 -34.92 -12.22 10.14
CA HIS A 139 -33.95 -11.59 9.25
C HIS A 139 -34.64 -10.47 8.47
N GLU A 140 -34.37 -9.23 8.87
CA GLU A 140 -34.97 -8.07 8.20
C GLU A 140 -34.66 -8.04 6.71
N VAL A 141 -33.47 -8.53 6.32
CA VAL A 141 -33.09 -8.48 4.91
C VAL A 141 -34.06 -9.28 4.05
N LEU A 142 -34.71 -10.30 4.62
CA LEU A 142 -35.65 -11.11 3.88
C LEU A 142 -37.01 -10.43 3.67
N ARG A 143 -37.26 -9.30 4.35
CA ARG A 143 -38.51 -8.57 4.16
C ARG A 143 -38.25 -7.11 3.86
N THR A 144 -37.10 -6.81 3.27
CA THR A 144 -36.76 -5.47 2.84
C THR A 144 -37.01 -5.39 1.33
N LEU A 145 -37.99 -4.57 0.95
CA LEU A 145 -38.26 -4.31 -0.46
C LEU A 145 -37.35 -3.18 -0.96
N VAL A 146 -37.23 -3.09 -2.27
CA VAL A 146 -36.45 -2.04 -2.93
C VAL A 146 -37.35 -1.39 -3.96
N ARG A 147 -37.73 -0.15 -3.71
CA ARG A 147 -38.60 0.60 -4.61
C ARG A 147 -37.78 1.62 -5.37
N SER A 148 -38.13 1.84 -6.64
CA SER A 148 -37.40 2.79 -7.44
C SER A 148 -37.92 4.21 -7.20
N SER A 149 -37.05 5.19 -7.45
CA SER A 149 -37.42 6.58 -7.41
C SER A 149 -36.43 7.34 -8.28
N ASP A 150 -36.80 8.55 -8.68
CA ASP A 150 -35.79 9.44 -9.24
C ASP A 150 -34.79 9.73 -8.13
N ASP A 151 -33.57 9.21 -8.30
CA ASP A 151 -32.48 9.11 -7.33
C ASP A 151 -31.81 7.76 -7.53
N GLY A 152 -32.62 6.71 -7.45
CA GLY A 152 -32.16 5.35 -7.36
C GLY A 152 -33.12 4.57 -6.50
N PRO A 153 -32.63 3.51 -5.87
CA PRO A 153 -33.50 2.68 -5.01
C PRO A 153 -33.55 3.15 -3.57
N ASP A 154 -34.71 2.90 -2.96
CA ASP A 154 -34.91 3.15 -1.54
C ASP A 154 -35.34 1.86 -0.86
N PRO A 155 -34.78 1.51 0.31
CA PRO A 155 -35.26 0.33 1.03
C PRO A 155 -36.62 0.57 1.63
N VAL A 156 -37.41 -0.49 1.69
CA VAL A 156 -38.72 -0.48 2.34
C VAL A 156 -38.79 -1.72 3.21
N LEU A 157 -38.64 -1.55 4.53
CA LEU A 157 -38.68 -2.66 5.46
C LEU A 157 -40.13 -2.97 5.80
N LEU A 158 -40.61 -4.14 5.40
CA LEU A 158 -41.95 -4.56 5.76
C LEU A 158 -41.96 -5.07 7.19
N ALA A 159 -43.00 -4.69 7.93
CA ALA A 159 -43.18 -5.25 9.26
C ALA A 159 -43.51 -6.74 9.13
N PRO A 160 -43.15 -7.54 10.14
CA PRO A 160 -43.46 -8.99 10.07
C PRO A 160 -44.90 -9.27 9.72
N GLU A 161 -45.83 -8.53 10.34
CA GLU A 161 -47.25 -8.69 10.05
C GLU A 161 -47.58 -8.35 8.59
N ASP A 162 -46.85 -7.41 7.99
CA ASP A 162 -47.14 -6.95 6.65
C ASP A 162 -46.32 -7.67 5.57
N ALA A 163 -45.45 -8.60 5.96
CA ALA A 163 -44.60 -9.31 5.01
C ALA A 163 -45.34 -10.56 4.55
N ALA A 164 -46.06 -10.44 3.44
CA ALA A 164 -46.78 -11.57 2.87
C ALA A 164 -45.78 -12.56 2.28
N VAL A 165 -45.58 -13.68 2.97
CA VAL A 165 -44.65 -14.68 2.46
C VAL A 165 -45.28 -15.45 1.30
N ASP A 166 -44.43 -16.03 0.46
CA ASP A 166 -44.84 -16.76 -0.72
C ASP A 166 -44.37 -18.20 -0.55
N VAL A 167 -45.28 -19.07 -0.10
CA VAL A 167 -44.99 -20.48 0.15
C VAL A 167 -46.07 -21.31 -0.53
N ALA A 168 -45.66 -22.27 -1.35
CA ALA A 168 -46.63 -23.05 -2.10
C ALA A 168 -46.10 -24.45 -2.36
N GLU A 169 -47.03 -25.40 -2.43
CA GLU A 169 -46.74 -26.75 -2.88
C GLU A 169 -46.90 -26.83 -4.39
N VAL A 170 -46.00 -27.56 -5.04
CA VAL A 170 -46.00 -27.73 -6.49
C VAL A 170 -45.90 -29.21 -6.79
N GLN A 171 -46.91 -29.74 -7.50
CA GLN A 171 -46.86 -31.13 -7.89
C GLN A 171 -46.03 -31.28 -9.16
N ALA A 172 -45.12 -32.25 -9.15
CA ALA A 172 -44.21 -32.48 -10.26
C ALA A 172 -44.78 -33.60 -11.14
N ALA A 173 -45.27 -33.24 -12.33
CA ALA A 173 -45.55 -34.24 -13.35
C ALA A 173 -44.24 -34.67 -14.01
N GLY A 174 -43.58 -33.74 -14.71
CA GLY A 174 -42.29 -34.02 -15.30
C GLY A 174 -41.20 -34.14 -14.26
N PRO A 175 -39.96 -34.31 -14.73
CA PRO A 175 -38.84 -34.51 -13.80
C PRO A 175 -38.60 -33.28 -12.93
N VAL A 176 -38.06 -33.53 -11.73
CA VAL A 176 -37.99 -32.45 -10.75
C VAL A 176 -36.80 -31.54 -10.99
N ALA A 177 -35.71 -32.05 -11.57
CA ALA A 177 -34.50 -31.25 -11.70
C ALA A 177 -34.70 -30.07 -12.65
N ASP A 178 -35.36 -30.30 -13.78
CA ASP A 178 -35.70 -29.18 -14.66
C ASP A 178 -36.76 -28.29 -14.02
N LEU A 179 -37.68 -28.87 -13.26
CA LEU A 179 -38.67 -28.06 -12.55
C LEU A 179 -37.99 -27.15 -11.53
N LEU A 180 -36.93 -27.63 -10.87
CA LEU A 180 -36.19 -26.80 -9.93
C LEU A 180 -35.60 -25.58 -10.63
N ALA A 181 -35.03 -25.77 -11.82
CA ALA A 181 -34.46 -24.66 -12.57
C ALA A 181 -35.53 -23.67 -12.99
N GLU A 182 -36.71 -24.18 -13.34
CA GLU A 182 -37.81 -23.32 -13.76
C GLU A 182 -38.28 -22.44 -12.61
N LEU A 183 -38.56 -23.06 -11.46
CA LEU A 183 -38.99 -22.32 -10.28
C LEU A 183 -37.94 -21.30 -9.86
N THR A 184 -36.66 -21.65 -10.01
CA THR A 184 -35.57 -20.76 -9.60
C THR A 184 -35.53 -19.51 -10.46
N ALA A 185 -35.85 -19.63 -11.75
CA ALA A 185 -35.69 -18.51 -12.68
C ALA A 185 -36.87 -17.54 -12.66
N GLN A 186 -38.00 -17.88 -12.05
CA GLN A 186 -39.14 -16.98 -12.03
CA GLN A 186 -39.13 -16.97 -12.06
C GLN A 186 -38.74 -15.66 -11.38
N PRO A 187 -39.14 -14.52 -11.95
CA PRO A 187 -38.62 -13.23 -11.49
C PRO A 187 -39.27 -12.74 -10.20
N PHE A 188 -38.49 -11.98 -9.44
CA PHE A 188 -38.99 -11.19 -8.32
C PHE A 188 -39.23 -9.77 -8.78
N ASP A 189 -40.38 -9.21 -8.42
CA ASP A 189 -40.58 -7.77 -8.48
C ASP A 189 -40.12 -7.23 -7.13
N LEU A 190 -38.88 -6.74 -7.08
CA LEU A 190 -38.27 -6.34 -5.82
C LEU A 190 -39.02 -5.20 -5.13
N ALA A 191 -39.89 -4.50 -5.86
CA ALA A 191 -40.63 -3.39 -5.27
C ALA A 191 -41.89 -3.84 -4.54
N THR A 192 -42.37 -5.06 -4.79
CA THR A 192 -43.64 -5.51 -4.22
C THR A 192 -43.61 -6.89 -3.56
N GLN A 193 -42.62 -7.74 -3.85
CA GLN A 193 -42.54 -9.07 -3.27
C GLN A 193 -41.24 -9.20 -2.47
N ILE A 194 -41.32 -9.86 -1.32
CA ILE A 194 -40.13 -10.09 -0.51
C ILE A 194 -39.17 -10.96 -1.32
N PRO A 195 -37.85 -10.80 -1.15
CA PRO A 195 -36.91 -11.53 -2.02
C PRO A 195 -36.69 -12.97 -1.60
N LEU A 196 -37.75 -13.63 -1.14
CA LEU A 196 -37.69 -15.04 -0.77
C LEU A 196 -38.94 -15.74 -1.26
N ARG A 197 -38.75 -16.87 -1.94
CA ARG A 197 -39.83 -17.72 -2.42
C ARG A 197 -39.54 -19.13 -1.94
N VAL A 198 -40.57 -19.84 -1.49
CA VAL A 198 -40.42 -21.20 -0.99
C VAL A 198 -41.41 -22.10 -1.72
N ARG A 199 -40.90 -23.22 -2.24
CA ARG A 199 -41.71 -24.20 -2.94
C ARG A 199 -41.44 -25.58 -2.37
N MET A 200 -42.51 -26.36 -2.19
CA MET A 200 -42.39 -27.77 -1.81
C MET A 200 -42.87 -28.61 -2.98
N ILE A 201 -41.93 -29.30 -3.63
CA ILE A 201 -42.24 -30.14 -4.79
C ILE A 201 -42.66 -31.51 -4.28
N THR A 202 -43.87 -31.93 -4.64
CA THR A 202 -44.34 -33.29 -4.38
C THR A 202 -44.76 -33.93 -5.69
N GLY A 203 -45.12 -35.21 -5.62
CA GLY A 203 -45.49 -35.96 -6.79
C GLY A 203 -45.33 -37.45 -6.57
N GLU A 204 -45.97 -38.20 -7.47
CA GLU A 204 -45.87 -39.65 -7.42
C GLU A 204 -44.47 -40.15 -7.79
N GLN A 205 -43.65 -39.32 -8.42
CA GLN A 205 -42.28 -39.69 -8.79
C GLN A 205 -41.24 -39.23 -7.77
N VAL A 206 -41.63 -38.45 -6.76
CA VAL A 206 -40.71 -38.00 -5.72
C VAL A 206 -41.04 -38.73 -4.43
N ASP A 207 -40.00 -39.11 -3.69
CA ASP A 207 -40.14 -39.81 -2.42
C ASP A 207 -39.99 -38.78 -1.30
N GLY A 208 -41.10 -38.42 -0.68
CA GLY A 208 -41.11 -37.32 0.28
C GLY A 208 -41.41 -35.99 -0.41
N CYS A 209 -40.42 -35.09 -0.41
CA CYS A 209 -40.57 -33.83 -1.12
C CYS A 209 -39.20 -33.22 -1.32
N VAL A 210 -39.13 -32.27 -2.25
CA VAL A 210 -37.96 -31.42 -2.41
C VAL A 210 -38.35 -30.02 -1.95
N LEU A 211 -37.61 -29.49 -0.98
CA LEU A 211 -37.84 -28.16 -0.45
C LEU A 211 -36.92 -27.19 -1.18
N LEU A 212 -37.52 -26.20 -1.84
CA LEU A 212 -36.77 -25.24 -2.65
C LEU A 212 -36.93 -23.84 -2.06
N LEU A 213 -35.82 -23.27 -1.62
CA LEU A 213 -35.74 -21.86 -1.27
C LEU A 213 -35.10 -21.12 -2.42
N VAL A 214 -35.78 -20.09 -2.92
CA VAL A 214 -35.23 -19.19 -3.93
C VAL A 214 -35.15 -17.80 -3.33
N CYS A 215 -33.93 -17.28 -3.21
CA CYS A 215 -33.72 -15.90 -2.81
C CYS A 215 -33.29 -15.11 -4.04
N HIS A 216 -33.67 -13.84 -4.06
CA HIS A 216 -32.92 -12.93 -4.92
C HIS A 216 -31.62 -12.61 -4.22
N HIS A 217 -30.54 -12.51 -5.01
CA HIS A 217 -29.22 -12.25 -4.43
C HIS A 217 -29.21 -10.99 -3.58
N ILE A 218 -30.12 -10.05 -3.83
CA ILE A 218 -30.18 -8.85 -3.01
C ILE A 218 -30.31 -9.16 -1.52
N ALA A 219 -30.75 -10.37 -1.17
CA ALA A 219 -30.93 -10.75 0.23
C ALA A 219 -30.06 -11.93 0.68
N ALA A 220 -29.30 -12.56 -0.23
CA ALA A 220 -28.60 -13.78 0.14
C ALA A 220 -27.47 -14.07 -0.82
N ASP A 221 -26.29 -14.35 -0.28
CA ASP A 221 -25.21 -15.02 -1.00
C ASP A 221 -25.19 -16.49 -0.61
N GLU A 222 -24.29 -17.26 -1.24
CA GLU A 222 -24.23 -18.70 -0.99
C GLU A 222 -23.84 -19.04 0.44
N TRP A 223 -23.14 -18.14 1.14
CA TRP A 223 -22.86 -18.38 2.56
C TRP A 223 -24.11 -18.28 3.43
N SER A 224 -25.24 -17.86 2.88
CA SER A 224 -26.48 -17.79 3.63
C SER A 224 -27.23 -19.11 3.71
N PHE A 225 -26.82 -20.12 2.91
CA PHE A 225 -27.50 -21.41 2.91
C PHE A 225 -27.57 -22.00 4.31
N ALA A 226 -26.44 -22.02 5.01
CA ALA A 226 -26.39 -22.69 6.32
C ALA A 226 -27.26 -22.01 7.35
N PRO A 227 -27.20 -20.68 7.56
CA PRO A 227 -28.13 -20.08 8.53
C PRO A 227 -29.58 -20.16 8.09
N LEU A 228 -29.84 -20.09 6.77
CA LEU A 228 -31.21 -20.23 6.28
C LEU A 228 -31.80 -21.59 6.67
N LEU A 229 -31.06 -22.67 6.37
CA LEU A 229 -31.54 -24.00 6.73
C LEU A 229 -31.61 -24.19 8.24
N ARG A 230 -30.60 -23.72 8.95
CA ARG A 230 -30.56 -23.87 10.40
C ARG A 230 -31.75 -23.17 11.05
N ASP A 231 -32.00 -21.91 10.68
CA ASP A 231 -33.10 -21.17 11.28
C ASP A 231 -34.45 -21.71 10.82
N LEU A 232 -34.57 -22.10 9.55
CA LEU A 232 -35.84 -22.65 9.08
C LEU A 232 -36.14 -23.97 9.77
N ASP A 233 -35.12 -24.80 9.98
CA ASP A 233 -35.30 -26.04 10.72
C ASP A 233 -35.77 -25.76 12.15
N THR A 234 -35.18 -24.78 12.81
CA THR A 234 -35.58 -24.44 14.18
C THR A 234 -37.04 -24.00 14.23
N ALA A 235 -37.43 -23.10 13.32
CA ALA A 235 -38.79 -22.59 13.31
C ALA A 235 -39.79 -23.69 12.95
N TYR A 236 -39.43 -24.55 11.99
CA TYR A 236 -40.34 -25.61 11.57
C TYR A 236 -40.66 -26.56 12.72
N ARG A 237 -39.63 -27.01 13.44
CA ARG A 237 -39.85 -27.96 14.52
C ARG A 237 -40.57 -27.33 15.70
N ALA A 238 -40.32 -26.05 15.97
CA ALA A 238 -41.08 -25.36 17.02
C ALA A 238 -42.54 -25.20 16.62
N ARG A 239 -42.81 -24.83 15.36
CA ARG A 239 -44.18 -24.66 14.92
C ARG A 239 -44.92 -25.99 14.82
N ALA A 240 -44.21 -27.05 14.45
CA ALA A 240 -44.82 -28.38 14.48
C ALA A 240 -45.28 -28.74 15.89
N ALA A 241 -44.55 -28.27 16.91
CA ALA A 241 -44.92 -28.47 18.30
C ALA A 241 -45.88 -27.40 18.82
N GLY A 242 -46.31 -26.48 17.97
CA GLY A 242 -47.35 -25.52 18.33
C GLY A 242 -46.88 -24.28 19.05
N ARG A 243 -45.62 -23.89 18.91
CA ARG A 243 -45.09 -22.73 19.60
C ARG A 243 -44.15 -21.96 18.67
N ALA A 244 -43.92 -20.70 19.03
CA ALA A 244 -42.94 -19.90 18.32
C ALA A 244 -41.53 -20.39 18.65
N PRO A 245 -40.59 -20.23 17.72
CA PRO A 245 -39.21 -20.65 18.00
C PRO A 245 -38.58 -19.79 19.08
N ASP A 246 -37.73 -20.43 19.90
CA ASP A 246 -37.06 -19.75 21.00
C ASP A 246 -35.72 -19.26 20.48
N TRP A 247 -35.66 -18.00 20.09
CA TRP A 247 -34.51 -17.47 19.35
C TRP A 247 -33.67 -16.55 20.21
N GLU A 248 -32.41 -16.86 20.31
CA GLU A 248 -31.38 -15.86 20.51
C GLU A 248 -31.52 -14.82 19.40
N PRO A 249 -31.73 -13.54 19.73
CA PRO A 249 -31.81 -12.52 18.68
C PRO A 249 -30.48 -12.38 17.96
N LEU A 250 -30.55 -11.84 16.75
CA LEU A 250 -29.35 -11.70 15.94
C LEU A 250 -28.42 -10.65 16.54
N PRO A 251 -27.11 -10.90 16.58
CA PRO A 251 -26.19 -9.84 16.98
C PRO A 251 -26.26 -8.63 16.08
N ALA A 252 -26.67 -8.81 14.81
CA ALA A 252 -26.83 -7.68 13.91
C ALA A 252 -27.78 -8.05 12.79
N GLN A 253 -28.53 -7.05 12.33
CA GLN A 253 -29.30 -7.14 11.11
C GLN A 253 -28.44 -6.66 9.93
N TYR A 254 -28.85 -7.02 8.72
CA TYR A 254 -28.06 -6.64 7.55
C TYR A 254 -27.89 -5.12 7.47
N SER A 255 -28.93 -4.37 7.78
CA SER A 255 -28.83 -2.90 7.73
C SER A 255 -27.82 -2.36 8.73
N ASP A 256 -27.69 -3.00 9.90
CA ASP A 256 -26.62 -2.61 10.81
C ASP A 256 -25.26 -2.73 10.11
N TYR A 257 -25.01 -3.88 9.48
CA TYR A 257 -23.77 -4.10 8.74
C TYR A 257 -23.57 -3.03 7.66
N ALA A 258 -24.62 -2.73 6.90
CA ALA A 258 -24.48 -1.78 5.80
C ALA A 258 -24.19 -0.37 6.31
N ALA A 259 -24.87 0.05 7.37
CA ALA A 259 -24.62 1.38 7.93
C ALA A 259 -23.17 1.51 8.41
N THR A 260 -22.70 0.51 9.17
CA THR A 260 -21.32 0.55 9.64
C THR A 260 -20.34 0.58 8.48
N LEU A 261 -20.56 -0.28 7.48
CA LEU A 261 -19.68 -0.35 6.33
C LEU A 261 -19.66 0.97 5.56
N HIS A 262 -20.83 1.52 5.28
N HIS A 262 -20.84 1.50 5.27
CA HIS A 262 -20.88 2.76 4.51
CA HIS A 262 -20.99 2.75 4.54
C HIS A 262 -20.29 3.92 5.28
C HIS A 262 -20.31 3.90 5.27
N ASP A 263 -20.40 3.92 6.61
CA ASP A 263 -19.77 4.97 7.41
C ASP A 263 -18.25 4.84 7.39
N TRP A 264 -17.73 3.62 7.51
CA TRP A 264 -16.29 3.43 7.45
C TRP A 264 -15.74 3.65 6.04
N LEU A 265 -16.51 3.28 5.01
CA LEU A 265 -16.02 3.42 3.64
C LEU A 265 -15.73 4.88 3.29
N GLY A 266 -16.62 5.79 3.67
CA GLY A 266 -16.44 7.19 3.35
C GLY A 266 -16.82 7.49 1.90
N GLU A 267 -16.50 8.71 1.49
CA GLU A 267 -16.82 9.19 0.15
C GLU A 267 -15.57 9.21 -0.73
N ALA A 268 -15.78 8.97 -2.02
CA ALA A 268 -14.67 8.88 -2.97
C ALA A 268 -13.93 10.19 -3.16
N THR A 269 -14.53 11.32 -2.78
CA THR A 269 -13.83 12.60 -2.91
C THR A 269 -12.93 12.91 -1.71
N ASP A 270 -12.90 12.03 -0.71
CA ASP A 270 -12.11 12.22 0.50
C ASP A 270 -10.81 11.45 0.34
N PRO A 271 -9.67 12.12 0.14
CA PRO A 271 -8.42 11.39 -0.14
C PRO A 271 -7.99 10.46 0.98
N ALA A 272 -8.44 10.67 2.21
CA ALA A 272 -8.08 9.79 3.31
C ALA A 272 -9.10 8.67 3.53
N SER A 273 -10.21 8.67 2.81
CA SER A 273 -11.21 7.63 2.97
C SER A 273 -10.68 6.28 2.49
N PRO A 274 -11.08 5.19 3.14
CA PRO A 274 -10.73 3.87 2.60
C PRO A 274 -11.22 3.67 1.18
N LEU A 275 -12.36 4.26 0.84
CA LEU A 275 -12.90 4.12 -0.51
C LEU A 275 -11.96 4.70 -1.55
N ARG A 276 -11.52 5.95 -1.37
CA ARG A 276 -10.63 6.55 -2.36
C ARG A 276 -9.29 5.84 -2.41
N ARG A 277 -8.75 5.47 -1.25
CA ARG A 277 -7.43 4.82 -1.23
C ARG A 277 -7.46 3.47 -1.93
N GLN A 278 -8.55 2.71 -1.77
CA GLN A 278 -8.63 1.45 -2.47
C GLN A 278 -8.92 1.63 -3.95
N LEU A 279 -9.76 2.61 -4.30
CA LEU A 279 -10.00 2.90 -5.71
C LEU A 279 -8.71 3.31 -6.41
N ASP A 280 -7.87 4.10 -5.76
CA ASP A 280 -6.60 4.50 -6.37
C ASP A 280 -5.71 3.28 -6.61
N TYR A 281 -5.73 2.31 -5.70
CA TYR A 281 -5.03 1.06 -5.95
C TYR A 281 -5.55 0.38 -7.21
N TRP A 282 -6.87 0.23 -7.32
CA TRP A 282 -7.44 -0.49 -8.45
C TRP A 282 -7.26 0.26 -9.76
N GLN A 283 -7.28 1.59 -9.73
CA GLN A 283 -7.05 2.34 -10.95
C GLN A 283 -5.69 2.03 -11.55
N HIS A 284 -4.68 1.88 -10.69
CA HIS A 284 -3.35 1.54 -11.18
C HIS A 284 -3.21 0.06 -11.49
N ALA A 285 -3.79 -0.80 -10.64
CA ALA A 285 -3.67 -2.24 -10.85
C ALA A 285 -4.39 -2.72 -12.10
N LEU A 286 -5.37 -1.96 -12.59
CA LEU A 286 -6.13 -2.34 -13.77
C LEU A 286 -5.84 -1.44 -14.97
N GLN A 287 -4.70 -0.74 -14.93
CA GLN A 287 -4.32 0.11 -16.06
C GLN A 287 -4.02 -0.75 -17.29
N ASP A 288 -4.47 -0.27 -18.45
CA ASP A 288 -4.23 -0.93 -19.73
C ASP A 288 -4.79 -2.36 -19.73
N LEU A 289 -5.98 -2.51 -19.19
CA LEU A 289 -6.64 -3.82 -19.12
C LEU A 289 -7.23 -4.18 -20.49
N PRO A 290 -7.18 -5.45 -20.88
CA PRO A 290 -7.84 -5.86 -22.13
C PRO A 290 -9.33 -5.62 -22.02
N ASP A 291 -9.94 -5.22 -23.14
CA ASP A 291 -11.40 -5.11 -23.18
C ASP A 291 -12.04 -6.47 -22.94
N GLU A 292 -11.46 -7.52 -23.51
CA GLU A 292 -11.95 -8.87 -23.38
C GLU A 292 -10.88 -9.81 -23.93
N LEU A 293 -10.93 -11.05 -23.47
CA LEU A 293 -9.93 -12.04 -23.85
C LEU A 293 -10.37 -12.77 -25.11
N ASP A 294 -9.40 -13.05 -25.99
CA ASP A 294 -9.67 -13.84 -27.17
C ASP A 294 -9.93 -15.29 -26.79
N LEU A 295 -11.20 -15.64 -26.55
CA LEU A 295 -11.64 -16.97 -26.20
C LEU A 295 -12.28 -17.67 -27.40
N PRO A 296 -12.19 -19.00 -27.47
CA PRO A 296 -12.83 -19.72 -28.57
C PRO A 296 -14.32 -19.94 -28.33
N THR A 297 -15.14 -19.09 -28.92
CA THR A 297 -16.58 -19.16 -28.79
C THR A 297 -17.18 -19.84 -30.04
N ASP A 298 -18.41 -20.30 -29.89
CA ASP A 298 -19.12 -20.91 -31.02
C ASP A 298 -19.94 -19.90 -31.81
N ARG A 299 -20.29 -18.77 -31.22
CA ARG A 299 -21.06 -17.72 -31.88
C ARG A 299 -20.50 -16.38 -31.48
N PRO A 300 -20.61 -15.37 -32.34
CA PRO A 300 -20.16 -14.04 -31.96
C PRO A 300 -21.02 -13.48 -30.84
N ARG A 301 -20.49 -12.47 -30.17
CA ARG A 301 -21.21 -11.81 -29.09
C ARG A 301 -22.43 -11.10 -29.65
N PRO A 302 -23.64 -11.47 -29.24
CA PRO A 302 -24.84 -10.79 -29.79
C PRO A 302 -24.92 -9.34 -29.34
N ALA A 303 -25.79 -8.58 -29.99
CA ALA A 303 -25.96 -7.18 -29.61
C ALA A 303 -26.55 -7.06 -28.21
N THR A 304 -27.57 -7.85 -27.90
CA THR A 304 -28.19 -7.88 -26.59
C THR A 304 -27.69 -9.09 -25.82
N ALA A 305 -27.25 -8.87 -24.58
CA ALA A 305 -27.01 -9.98 -23.68
C ALA A 305 -28.34 -10.57 -23.24
N SER A 306 -28.42 -11.90 -23.24
CA SER A 306 -29.65 -12.59 -22.89
C SER A 306 -29.63 -13.22 -21.50
N HIS A 307 -28.44 -13.46 -20.95
CA HIS A 307 -28.25 -14.20 -19.70
C HIS A 307 -28.74 -15.63 -19.78
N ARG A 308 -29.12 -16.12 -20.97
CA ARG A 308 -29.34 -17.55 -21.13
C ARG A 308 -28.04 -18.30 -20.87
N GLY A 309 -28.14 -19.41 -20.14
CA GLY A 309 -26.95 -20.15 -19.80
C GLY A 309 -27.20 -21.62 -19.65
N GLY A 310 -26.09 -22.36 -19.52
CA GLY A 310 -26.13 -23.77 -19.21
C GLY A 310 -25.12 -24.08 -18.12
N LEU A 311 -25.10 -25.35 -17.72
CA LEU A 311 -24.23 -25.80 -16.64
C LEU A 311 -23.57 -27.11 -17.02
N ALA A 312 -22.24 -27.11 -17.10
CA ALA A 312 -21.47 -28.31 -17.36
C ALA A 312 -20.60 -28.61 -16.14
N ARG A 313 -20.65 -29.86 -15.67
CA ARG A 313 -19.92 -30.28 -14.50
C ARG A 313 -18.72 -31.14 -14.89
N ALA A 314 -17.66 -31.02 -14.11
CA ALA A 314 -16.49 -31.90 -14.22
C ALA A 314 -16.33 -32.58 -12.88
N GLU A 315 -16.42 -33.91 -12.88
CA GLU A 315 -16.26 -34.66 -11.65
C GLU A 315 -14.79 -34.73 -11.26
N LEU A 316 -14.55 -34.72 -9.96
CA LEU A 316 -13.19 -34.81 -9.42
C LEU A 316 -13.09 -36.05 -8.54
N PRO A 317 -12.28 -37.04 -8.92
CA PRO A 317 -12.06 -38.19 -8.05
C PRO A 317 -11.54 -37.74 -6.70
N PRO A 318 -11.99 -38.37 -5.60
CA PRO A 318 -11.46 -38.00 -4.28
C PRO A 318 -9.95 -37.95 -4.21
N GLU A 319 -9.26 -38.82 -4.98
CA GLU A 319 -7.81 -38.74 -5.06
C GLU A 319 -7.35 -37.40 -5.63
N LEU A 320 -8.03 -36.92 -6.67
CA LEU A 320 -7.67 -35.64 -7.26
C LEU A 320 -7.96 -34.49 -6.30
N VAL A 321 -9.14 -34.51 -5.66
CA VAL A 321 -9.45 -33.53 -4.63
C VAL A 321 -8.37 -33.50 -3.57
N GLU A 322 -7.95 -34.69 -3.12
CA GLU A 322 -6.91 -34.79 -2.11
C GLU A 322 -5.58 -34.24 -2.62
N ALA A 323 -5.22 -34.59 -3.86
CA ALA A 323 -3.98 -34.08 -4.43
C ALA A 323 -3.99 -32.55 -4.53
N VAL A 324 -5.14 -31.98 -4.90
CA VAL A 324 -5.24 -30.52 -5.01
C VAL A 324 -5.07 -29.86 -3.65
N ARG A 325 -5.71 -30.41 -2.62
CA ARG A 325 -5.52 -29.88 -1.27
C ARG A 325 -4.06 -29.95 -0.85
N ARG A 326 -3.39 -31.08 -1.14
CA ARG A 326 -1.98 -31.21 -0.77
C ARG A 326 -1.12 -30.25 -1.58
N LEU A 327 -1.41 -30.10 -2.87
CA LEU A 327 -0.67 -29.15 -3.68
C LEU A 327 -0.80 -27.73 -3.13
N ALA A 328 -2.02 -27.35 -2.73
CA ALA A 328 -2.21 -26.05 -2.11
C ALA A 328 -1.39 -25.92 -0.83
N ALA A 329 -1.51 -26.90 0.06
CA ALA A 329 -0.79 -26.86 1.33
C ALA A 329 0.71 -26.79 1.12
N GLN A 330 1.23 -27.56 0.16
CA GLN A 330 2.67 -27.65 -0.01
C GLN A 330 3.26 -26.37 -0.58
N HIS A 331 2.46 -25.58 -1.31
CA HIS A 331 2.94 -24.34 -1.89
C HIS A 331 2.44 -23.11 -1.13
N GLY A 332 1.75 -23.30 -0.01
CA GLY A 332 1.30 -22.18 0.79
C GLY A 332 0.26 -21.31 0.12
N VAL A 333 -0.66 -21.92 -0.62
CA VAL A 333 -1.77 -21.23 -1.26
C VAL A 333 -3.07 -21.93 -0.88
N THR A 334 -4.18 -21.25 -1.14
CA THR A 334 -5.49 -21.86 -0.90
C THR A 334 -5.88 -22.74 -2.08
N VAL A 335 -6.89 -23.60 -1.85
CA VAL A 335 -7.43 -24.40 -2.95
C VAL A 335 -7.96 -23.50 -4.04
N PHE A 336 -8.66 -22.42 -3.67
CA PHE A 336 -9.13 -21.47 -4.66
C PHE A 336 -7.99 -20.96 -5.53
N MET A 337 -6.85 -20.64 -4.92
CA MET A 337 -5.73 -20.13 -5.70
C MET A 337 -5.24 -21.15 -6.72
N VAL A 338 -5.24 -22.43 -6.36
CA VAL A 338 -4.86 -23.45 -7.33
C VAL A 338 -5.84 -23.49 -8.48
N VAL A 339 -7.14 -23.42 -8.19
CA VAL A 339 -8.15 -23.46 -9.23
C VAL A 339 -8.04 -22.22 -10.11
N GLN A 340 -7.83 -21.06 -9.50
CA GLN A 340 -7.68 -19.83 -10.27
C GLN A 340 -6.49 -19.91 -11.22
N ALA A 341 -5.36 -20.41 -10.73
CA ALA A 341 -4.18 -20.56 -11.59
C ALA A 341 -4.46 -21.52 -12.74
N ALA A 342 -5.19 -22.59 -12.46
CA ALA A 342 -5.51 -23.57 -13.50
C ALA A 342 -6.43 -22.96 -14.55
N VAL A 343 -7.37 -22.11 -14.13
CA VAL A 343 -8.22 -21.41 -15.10
C VAL A 343 -7.36 -20.50 -15.97
N ALA A 344 -6.42 -19.77 -15.36
CA ALA A 344 -5.57 -18.87 -16.13
C ALA A 344 -4.72 -19.63 -17.14
N VAL A 345 -4.18 -20.79 -16.73
CA VAL A 345 -3.40 -21.61 -17.67
C VAL A 345 -4.28 -22.07 -18.82
N LEU A 346 -5.53 -22.47 -18.52
CA LEU A 346 -6.44 -22.92 -19.56
C LEU A 346 -6.69 -21.83 -20.59
N LEU A 347 -7.06 -20.63 -20.13
CA LEU A 347 -7.32 -19.53 -21.06
C LEU A 347 -6.05 -19.17 -21.84
N HIS A 348 -4.90 -19.21 -21.15
CA HIS A 348 -3.62 -18.94 -21.80
C HIS A 348 -3.36 -19.93 -22.92
N ARG A 349 -3.57 -21.23 -22.66
CA ARG A 349 -3.29 -22.24 -23.68
C ARG A 349 -4.29 -22.15 -24.83
N LEU A 350 -5.48 -21.62 -24.58
CA LEU A 350 -6.45 -21.38 -25.65
C LEU A 350 -6.15 -20.14 -26.47
N GLY A 351 -5.12 -19.38 -26.12
CA GLY A 351 -4.71 -18.23 -26.88
C GLY A 351 -5.12 -16.89 -26.33
N ALA A 352 -5.46 -16.79 -25.04
CA ALA A 352 -5.95 -15.54 -24.48
C ALA A 352 -4.84 -14.52 -24.22
N GLY A 353 -3.59 -14.92 -24.31
CA GLY A 353 -2.48 -14.02 -24.05
C GLY A 353 -1.84 -14.30 -22.69
N ASP A 354 -1.04 -13.34 -22.25
CA ASP A 354 -0.32 -13.45 -20.98
C ASP A 354 -0.97 -12.65 -19.86
N ASP A 355 -1.99 -11.85 -20.17
CA ASP A 355 -2.61 -10.92 -19.23
C ASP A 355 -4.04 -11.39 -19.01
N ILE A 356 -4.26 -12.12 -17.92
CA ILE A 356 -5.49 -12.87 -17.71
C ILE A 356 -6.24 -12.28 -16.51
N PRO A 357 -7.23 -11.41 -16.75
CA PRO A 357 -8.06 -10.92 -15.64
C PRO A 357 -9.23 -11.85 -15.36
N LEU A 358 -9.33 -12.35 -14.13
CA LEU A 358 -10.41 -13.24 -13.73
C LEU A 358 -11.18 -12.58 -12.60
N GLY A 359 -12.50 -12.46 -12.78
CA GLY A 359 -13.33 -12.00 -11.70
C GLY A 359 -13.47 -13.05 -10.62
N SER A 360 -13.66 -12.58 -9.38
CA SER A 360 -13.85 -13.53 -8.30
C SER A 360 -14.65 -12.89 -7.18
N PRO A 361 -15.61 -13.60 -6.59
CA PRO A 361 -16.34 -13.07 -5.44
C PRO A 361 -15.54 -13.27 -4.16
N VAL A 362 -15.58 -12.26 -3.30
CA VAL A 362 -14.85 -12.25 -2.03
C VAL A 362 -15.83 -11.84 -0.94
N ALA A 363 -15.99 -12.71 0.06
CA ALA A 363 -17.00 -12.47 1.09
C ALA A 363 -16.49 -11.51 2.16
N ASP A 364 -17.30 -10.50 2.48
CA ASP A 364 -16.96 -9.52 3.52
C ASP A 364 -17.60 -9.91 4.85
N ARG A 365 -17.20 -11.08 5.37
CA ARG A 365 -17.86 -11.69 6.52
C ARG A 365 -16.92 -11.92 7.69
N ALA A 366 -15.85 -11.12 7.82
CA ALA A 366 -14.90 -11.33 8.91
C ALA A 366 -15.48 -10.93 10.27
N ASP A 367 -16.35 -9.92 10.29
CA ASP A 367 -16.93 -9.48 11.55
C ASP A 367 -17.80 -10.58 12.14
N GLU A 368 -17.58 -10.87 13.42
CA GLU A 368 -18.29 -11.96 14.08
C GLU A 368 -19.81 -11.77 14.04
N ALA A 369 -20.28 -10.52 13.97
CA ALA A 369 -21.70 -10.25 13.95
C ALA A 369 -22.38 -10.67 12.65
N VAL A 370 -21.62 -10.88 11.57
CA VAL A 370 -22.19 -11.29 10.29
C VAL A 370 -21.52 -12.53 9.72
N HIS A 371 -20.55 -13.11 10.42
CA HIS A 371 -19.79 -14.24 9.88
C HIS A 371 -20.69 -15.39 9.45
N ASP A 372 -21.85 -15.54 10.10
CA ASP A 372 -22.73 -16.68 9.85
C ASP A 372 -24.19 -16.26 9.71
N THR A 373 -24.44 -15.06 9.19
CA THR A 373 -25.79 -14.52 9.09
C THR A 373 -26.27 -14.53 7.63
N VAL A 374 -27.52 -14.11 7.44
CA VAL A 374 -28.18 -14.13 6.14
C VAL A 374 -28.03 -12.76 5.48
N GLY A 375 -27.47 -12.75 4.28
CA GLY A 375 -27.32 -11.52 3.52
C GLY A 375 -26.35 -11.75 2.38
N PHE A 376 -26.17 -10.69 1.59
CA PHE A 376 -25.24 -10.72 0.47
C PHE A 376 -23.99 -9.93 0.84
N PHE A 377 -22.85 -10.60 0.87
CA PHE A 377 -21.59 -10.00 1.33
C PHE A 377 -20.45 -10.16 0.31
N LEU A 378 -20.77 -10.49 -0.94
CA LEU A 378 -19.76 -10.84 -1.94
C LEU A 378 -19.41 -9.61 -2.77
N ASN A 379 -18.22 -9.06 -2.57
CA ASN A 379 -17.73 -8.12 -3.55
C ASN A 379 -17.07 -8.89 -4.69
N THR A 380 -17.08 -8.29 -5.87
CA THR A 380 -16.42 -8.87 -7.03
C THR A 380 -15.11 -8.15 -7.24
N LEU A 381 -14.02 -8.91 -7.25
CA LEU A 381 -12.69 -8.36 -7.49
C LEU A 381 -12.15 -8.87 -8.80
N VAL A 382 -11.35 -8.03 -9.47
CA VAL A 382 -10.65 -8.42 -10.69
C VAL A 382 -9.26 -8.88 -10.26
N LEU A 383 -9.01 -10.18 -10.38
CA LEU A 383 -7.70 -10.76 -10.04
C LEU A 383 -6.91 -10.93 -11.33
N ARG A 384 -5.89 -10.10 -11.50
CA ARG A 384 -5.17 -9.96 -12.77
C ARG A 384 -3.91 -10.81 -12.73
N VAL A 385 -3.94 -11.93 -13.47
CA VAL A 385 -2.87 -12.92 -13.47
C VAL A 385 -2.01 -12.70 -14.71
N ASN A 386 -0.71 -12.49 -14.52
CA ASN A 386 0.22 -12.39 -15.64
C ASN A 386 0.99 -13.69 -15.80
N LEU A 387 1.08 -14.18 -17.04
CA LEU A 387 1.69 -15.47 -17.33
C LEU A 387 2.90 -15.35 -18.24
N SER A 388 3.46 -14.14 -18.40
CA SER A 388 4.61 -13.97 -19.28
C SER A 388 5.85 -14.61 -18.65
N GLY A 389 6.87 -14.82 -19.48
CA GLY A 389 8.06 -15.51 -19.07
C GLY A 389 7.94 -17.02 -19.02
N ASN A 390 6.80 -17.57 -19.45
CA ASN A 390 6.45 -18.99 -19.42
C ASN A 390 6.95 -19.66 -18.14
N PRO A 391 6.35 -19.37 -17.00
CA PRO A 391 6.83 -19.97 -15.76
C PRO A 391 6.22 -21.34 -15.53
N THR A 392 6.68 -22.03 -14.49
CA THR A 392 6.10 -23.31 -14.09
C THR A 392 4.76 -23.07 -13.40
N PHE A 393 4.05 -24.16 -13.11
CA PHE A 393 2.82 -24.02 -12.34
C PHE A 393 3.13 -23.54 -10.93
N ALA A 394 4.22 -24.03 -10.34
CA ALA A 394 4.62 -23.58 -9.01
C ALA A 394 4.94 -22.09 -9.02
N ASP A 395 5.66 -21.61 -10.05
CA ASP A 395 5.90 -20.18 -10.19
C ASP A 395 4.59 -19.41 -10.29
N LEU A 396 3.62 -19.95 -11.02
CA LEU A 396 2.34 -19.26 -11.17
C LEU A 396 1.59 -19.20 -9.85
N LEU A 397 1.66 -20.27 -9.05
CA LEU A 397 1.03 -20.24 -7.74
C LEU A 397 1.61 -19.13 -6.88
N ASP A 398 2.92 -18.89 -6.99
CA ASP A 398 3.53 -17.75 -6.30
C ASP A 398 3.00 -16.43 -6.84
N ARG A 399 2.90 -16.31 -8.17
CA ARG A 399 2.37 -15.07 -8.76
C ARG A 399 0.92 -14.84 -8.34
N VAL A 400 0.12 -15.90 -8.32
CA VAL A 400 -1.30 -15.77 -7.99
C VAL A 400 -1.47 -15.40 -6.52
N ARG A 401 -0.65 -15.97 -5.63
CA ARG A 401 -0.74 -15.59 -4.22
C ARG A 401 -0.43 -14.11 -4.04
N ALA A 402 0.59 -13.60 -4.74
CA ALA A 402 0.95 -12.20 -4.59
C ALA A 402 -0.13 -11.28 -5.16
N VAL A 403 -0.67 -11.64 -6.32
CA VAL A 403 -1.77 -10.86 -6.90
C VAL A 403 -2.97 -10.86 -5.98
N ASP A 404 -3.33 -12.04 -5.45
CA ASP A 404 -4.55 -12.15 -4.66
C ASP A 404 -4.42 -11.43 -3.31
N LEU A 405 -3.28 -11.59 -2.63
CA LEU A 405 -3.11 -10.94 -1.33
C LEU A 405 -3.08 -9.43 -1.47
N GLU A 406 -2.43 -8.92 -2.53
CA GLU A 406 -2.50 -7.50 -2.83
C GLU A 406 -3.95 -7.06 -3.05
N ALA A 407 -4.72 -7.86 -3.78
CA ALA A 407 -6.10 -7.49 -4.08
C ALA A 407 -6.99 -7.60 -2.84
N PHE A 408 -6.84 -8.69 -2.09
CA PHE A 408 -7.67 -8.90 -0.91
C PHE A 408 -7.49 -7.78 0.13
N ALA A 409 -6.35 -7.09 0.11
CA ALA A 409 -6.16 -5.94 0.99
C ALA A 409 -6.92 -4.71 0.54
N ARG A 410 -7.55 -4.75 -0.64
CA ARG A 410 -8.40 -3.67 -1.12
C ARG A 410 -9.73 -4.24 -1.61
N ALA A 411 -10.33 -5.10 -0.81
CA ALA A 411 -11.54 -5.81 -1.17
C ALA A 411 -12.82 -5.01 -0.93
N ASP A 412 -12.72 -3.81 -0.37
CA ASP A 412 -13.91 -3.07 0.03
C ASP A 412 -14.37 -2.05 -1.01
N ALA A 413 -13.52 -1.69 -1.95
CA ALA A 413 -13.94 -0.82 -3.05
C ALA A 413 -15.06 -1.51 -3.83
N PRO A 414 -16.28 -0.97 -3.85
CA PRO A 414 -17.37 -1.64 -4.57
C PRO A 414 -16.99 -1.82 -6.04
N PHE A 415 -17.35 -2.98 -6.58
CA PHE A 415 -16.98 -3.29 -7.96
C PHE A 415 -17.51 -2.25 -8.94
N ASP A 416 -18.73 -1.73 -8.70
CA ASP A 416 -19.24 -0.72 -9.62
C ASP A 416 -18.47 0.59 -9.53
N ALA A 417 -17.93 0.92 -8.36
CA ALA A 417 -17.06 2.08 -8.26
C ALA A 417 -15.71 1.84 -8.93
N VAL A 418 -15.22 0.59 -8.90
CA VAL A 418 -13.99 0.25 -9.61
C VAL A 418 -14.20 0.42 -11.11
N VAL A 419 -15.33 -0.07 -11.62
CA VAL A 419 -15.65 0.12 -13.04
C VAL A 419 -15.71 1.60 -13.37
N ASP A 420 -16.39 2.39 -12.53
CA ASP A 420 -16.50 3.83 -12.76
C ASP A 420 -15.13 4.50 -12.74
N THR A 421 -14.21 4.01 -11.92
CA THR A 421 -12.88 4.60 -11.84
C THR A 421 -12.00 4.21 -13.02
N VAL A 422 -12.03 2.95 -13.43
CA VAL A 422 -11.17 2.49 -14.51
C VAL A 422 -11.69 2.99 -15.87
N LYS A 423 -13.00 3.14 -16.01
CA LYS A 423 -13.66 3.63 -17.21
C LYS A 423 -13.31 2.80 -18.44
N PRO A 424 -13.58 1.49 -18.44
CA PRO A 424 -13.33 0.69 -19.64
C PRO A 424 -14.33 1.04 -20.72
N PRO A 425 -14.04 0.72 -21.98
CA PRO A 425 -15.07 0.82 -23.01
C PRO A 425 -16.22 -0.13 -22.70
N ARG A 426 -17.44 0.36 -22.82
CA ARG A 426 -18.61 -0.39 -22.39
C ARG A 426 -19.33 -1.02 -23.58
N ALA A 427 -20.10 -2.05 -23.29
CA ALA A 427 -20.99 -2.71 -24.24
C ALA A 427 -21.92 -3.60 -23.45
N VAL A 428 -23.22 -3.57 -23.76
CA VAL A 428 -24.20 -4.28 -22.94
C VAL A 428 -24.05 -5.79 -23.03
N SER A 429 -23.52 -6.31 -24.12
CA SER A 429 -23.38 -7.75 -24.26
C SER A 429 -22.11 -8.28 -23.63
N ARG A 430 -21.34 -7.42 -22.96
CA ARG A 430 -20.06 -7.80 -22.39
C ARG A 430 -19.97 -7.27 -20.97
N HIS A 431 -19.70 -8.14 -20.01
CA HIS A 431 -19.46 -7.69 -18.67
C HIS A 431 -18.14 -6.91 -18.62
N PRO A 432 -18.09 -5.80 -17.88
CA PRO A 432 -16.88 -4.96 -17.89
C PRO A 432 -15.75 -5.57 -17.06
N LEU A 433 -14.52 -5.34 -17.55
CA LEU A 433 -13.26 -5.62 -16.86
C LEU A 433 -12.88 -7.10 -16.85
N PHE A 434 -13.86 -8.00 -16.78
CA PHE A 434 -13.62 -9.43 -16.93
C PHE A 434 -14.89 -10.07 -17.47
N GLN A 435 -14.72 -11.20 -18.16
CA GLN A 435 -15.86 -12.01 -18.59
C GLN A 435 -15.80 -13.45 -18.10
N THR A 436 -14.73 -13.83 -17.42
CA THR A 436 -14.62 -15.15 -16.79
C THR A 436 -14.44 -14.97 -15.30
N MET A 437 -15.28 -15.65 -14.52
CA MET A 437 -15.21 -15.63 -13.07
C MET A 437 -14.79 -17.00 -12.56
N VAL A 438 -14.03 -17.02 -11.47
CA VAL A 438 -13.67 -18.24 -10.78
C VAL A 438 -13.96 -18.06 -9.30
N SER A 439 -14.53 -19.08 -8.68
CA SER A 439 -14.79 -19.01 -7.25
C SER A 439 -14.62 -20.39 -6.62
N TYR A 440 -14.52 -20.38 -5.30
CA TYR A 440 -14.50 -21.57 -4.49
C TYR A 440 -15.68 -21.49 -3.54
N GLN A 441 -16.43 -22.58 -3.41
CA GLN A 441 -17.64 -22.61 -2.60
C GLN A 441 -17.64 -23.89 -1.78
N ARG A 442 -18.29 -23.82 -0.62
CA ARG A 442 -18.37 -24.95 0.28
C ARG A 442 -19.79 -25.02 0.81
N ARG A 443 -20.49 -26.10 0.49
CA ARG A 443 -21.89 -26.26 0.85
C ARG A 443 -22.01 -26.60 2.34
N PRO A 444 -23.20 -26.41 2.94
CA PRO A 444 -23.35 -26.65 4.38
C PRO A 444 -23.10 -28.10 4.76
N SER A 445 -22.45 -28.28 5.89
CA SER A 445 -22.32 -29.60 6.51
C SER A 445 -23.39 -29.77 7.59
N ASP A 446 -23.61 -31.03 7.97
CA ASP A 446 -24.59 -31.37 9.00
C ASP A 446 -25.99 -30.87 8.66
N VAL A 447 -26.39 -31.09 7.41
CA VAL A 447 -27.76 -30.81 6.99
C VAL A 447 -28.40 -32.11 6.52
N ASP A 448 -28.07 -33.21 7.21
CA ASP A 448 -28.54 -34.53 6.84
C ASP A 448 -29.81 -34.96 7.57
N ARG A 449 -30.18 -34.31 8.67
CA ARG A 449 -31.33 -34.69 9.48
C ARG A 449 -32.17 -33.48 9.85
N LEU A 450 -32.56 -32.70 8.85
CA LEU A 450 -33.37 -31.52 9.09
C LEU A 450 -34.85 -31.88 9.12
N PHE A 451 -35.62 -31.06 9.84
CA PHE A 451 -37.08 -31.18 9.92
C PHE A 451 -37.52 -32.55 10.44
N GLY A 452 -36.67 -33.18 11.26
CA GLY A 452 -37.01 -34.49 11.79
C GLY A 452 -37.03 -35.60 10.76
N ALA A 453 -36.42 -35.40 9.60
CA ALA A 453 -36.39 -36.42 8.56
C ALA A 453 -34.98 -36.64 8.05
N ALA A 454 -34.84 -37.40 6.96
CA ALA A 454 -33.56 -37.55 6.28
C ALA A 454 -33.49 -36.55 5.14
N THR A 455 -32.42 -35.74 5.12
CA THR A 455 -32.31 -34.63 4.19
C THR A 455 -30.95 -34.64 3.51
N ARG A 456 -30.92 -34.08 2.31
CA ARG A 456 -29.69 -33.91 1.54
C ARG A 456 -29.92 -32.81 0.50
N LEU A 457 -28.87 -32.03 0.25
CA LEU A 457 -28.96 -30.99 -0.75
C LEU A 457 -29.01 -31.59 -2.16
N VAL A 458 -29.73 -30.92 -3.04
CA VAL A 458 -29.72 -31.27 -4.47
C VAL A 458 -29.36 -30.03 -5.26
N GLU A 459 -28.38 -30.17 -6.15
CA GLU A 459 -27.93 -29.04 -6.95
C GLU A 459 -28.94 -28.74 -8.05
N VAL A 460 -29.08 -27.47 -8.39
CA VAL A 460 -30.08 -27.01 -9.34
C VAL A 460 -29.38 -26.66 -10.64
N PRO A 461 -29.78 -27.24 -11.77
CA PRO A 461 -29.13 -26.94 -13.05
C PRO A 461 -29.63 -25.62 -13.62
N LEU A 462 -28.76 -24.62 -13.64
CA LEU A 462 -29.20 -23.28 -14.01
C LEU A 462 -29.42 -23.15 -15.52
N ASP A 463 -30.46 -22.40 -15.88
CA ASP A 463 -30.73 -22.02 -17.26
C ASP A 463 -30.22 -20.62 -17.58
N THR A 464 -29.44 -20.03 -16.69
CA THR A 464 -28.95 -18.67 -16.84
C THR A 464 -27.45 -18.64 -16.59
N ALA A 465 -26.83 -17.54 -17.00
CA ALA A 465 -25.41 -17.31 -16.74
C ALA A 465 -25.18 -15.81 -16.62
N LYS A 466 -24.25 -15.44 -15.74
CA LYS A 466 -24.00 -14.04 -15.46
C LYS A 466 -22.88 -13.45 -16.31
N PHE A 467 -21.95 -14.28 -16.77
CA PHE A 467 -20.77 -13.81 -17.50
C PHE A 467 -20.65 -14.64 -18.77
N ASP A 468 -19.47 -14.57 -19.41
CA ASP A 468 -19.18 -15.50 -20.50
C ASP A 468 -18.95 -16.91 -19.94
N LEU A 469 -18.15 -17.00 -18.89
CA LEU A 469 -17.80 -18.26 -18.24
C LEU A 469 -17.70 -18.01 -16.74
N GLU A 470 -18.25 -18.92 -15.95
CA GLU A 470 -18.02 -18.94 -14.51
C GLU A 470 -17.64 -20.34 -14.08
N PHE A 471 -16.42 -20.49 -13.59
CA PHE A 471 -15.93 -21.75 -13.03
C PHE A 471 -16.06 -21.69 -11.51
N ALA A 472 -16.71 -22.69 -10.93
CA ALA A 472 -16.85 -22.78 -9.49
C ALA A 472 -16.33 -24.13 -9.03
N PHE A 473 -15.38 -24.12 -8.10
CA PHE A 473 -14.95 -25.33 -7.40
C PHE A 473 -15.84 -25.47 -6.18
N ILE A 474 -16.76 -26.42 -6.21
CA ILE A 474 -17.80 -26.55 -5.20
C ILE A 474 -17.53 -27.80 -4.38
N GLU A 475 -17.27 -27.62 -3.10
CA GLU A 475 -17.21 -28.73 -2.15
C GLU A 475 -18.59 -28.94 -1.56
N ASP A 476 -19.08 -30.18 -1.62
CA ASP A 476 -20.27 -30.53 -0.85
C ASP A 476 -19.93 -30.50 0.64
N GLY A 477 -20.95 -30.69 1.47
CA GLY A 477 -20.73 -30.57 2.90
C GLY A 477 -19.87 -31.62 3.56
N HIS A 478 -19.21 -32.49 2.78
CA HIS A 478 -18.49 -33.62 3.37
C HIS A 478 -17.45 -34.24 2.44
N GLY A 479 -16.42 -33.47 2.06
CA GLY A 479 -15.25 -34.01 1.41
C GLY A 479 -15.34 -34.20 -0.09
N GLY A 480 -16.55 -34.20 -0.66
CA GLY A 480 -16.68 -34.30 -2.11
C GLY A 480 -16.58 -32.94 -2.78
N ALA A 481 -16.21 -32.95 -4.05
CA ALA A 481 -16.07 -31.70 -4.78
C ALA A 481 -16.21 -31.96 -6.28
N HIS A 482 -16.74 -30.96 -6.98
CA HIS A 482 -16.82 -30.98 -8.43
C HIS A 482 -16.57 -29.57 -8.94
N ILE A 483 -16.28 -29.45 -10.23
CA ILE A 483 -16.16 -28.17 -10.90
C ILE A 483 -17.43 -27.93 -11.71
N ALA A 484 -18.07 -26.78 -11.50
CA ALA A 484 -19.25 -26.39 -12.25
C ALA A 484 -18.89 -25.21 -13.13
N LEU A 485 -19.18 -25.33 -14.43
CA LEU A 485 -18.97 -24.27 -15.40
C LEU A 485 -20.33 -23.74 -15.83
N ASN A 486 -20.64 -22.52 -15.42
CA ASN A 486 -21.86 -21.81 -15.80
C ASN A 486 -21.50 -20.93 -17.00
N TYR A 487 -21.98 -21.28 -18.19
CA TYR A 487 -21.54 -20.65 -19.43
C TYR A 487 -22.69 -19.92 -20.10
N ALA A 488 -22.37 -18.86 -20.83
CA ALA A 488 -23.36 -18.13 -21.60
C ALA A 488 -23.75 -18.92 -22.83
N ALA A 489 -25.04 -19.27 -22.95
CA ALA A 489 -25.49 -20.07 -24.07
C ALA A 489 -25.42 -19.30 -25.39
N ASP A 490 -25.49 -17.96 -25.34
CA ASP A 490 -25.31 -17.16 -26.54
C ASP A 490 -23.98 -17.46 -27.23
N LEU A 491 -22.95 -17.78 -26.46
CA LEU A 491 -21.57 -17.88 -26.94
C LEU A 491 -21.09 -19.30 -27.11
N PHE A 492 -21.46 -20.22 -26.23
CA PHE A 492 -20.90 -21.56 -26.21
C PHE A 492 -22.00 -22.59 -26.36
N ASP A 493 -21.76 -23.58 -27.23
CA ASP A 493 -22.57 -24.79 -27.22
C ASP A 493 -22.28 -25.58 -25.95
N HIS A 494 -23.22 -26.44 -25.57
CA HIS A 494 -23.03 -27.22 -24.35
C HIS A 494 -21.82 -28.13 -24.46
N ASP A 495 -21.59 -28.74 -25.63
CA ASP A 495 -20.46 -29.64 -25.75
C ASP A 495 -19.13 -28.91 -25.66
N SER A 496 -19.07 -27.67 -26.16
CA SER A 496 -17.86 -26.88 -25.98
C SER A 496 -17.58 -26.63 -24.50
N ALA A 497 -18.62 -26.39 -23.71
CA ALA A 497 -18.44 -26.14 -22.28
C ALA A 497 -18.01 -27.41 -21.55
N GLU A 498 -18.59 -28.55 -21.91
CA GLU A 498 -18.14 -29.82 -21.35
C GLU A 498 -16.66 -30.04 -21.63
N GLN A 499 -16.21 -29.67 -22.82
CA GLN A 499 -14.80 -29.84 -23.16
C GLN A 499 -13.91 -28.87 -22.40
N LEU A 500 -14.38 -27.63 -22.21
CA LEU A 500 -13.60 -26.65 -21.44
C LEU A 500 -13.39 -27.13 -20.01
N VAL A 501 -14.47 -27.59 -19.37
CA VAL A 501 -14.36 -27.96 -17.96
C VAL A 501 -13.59 -29.26 -17.80
N ALA A 502 -13.63 -30.14 -18.81
CA ALA A 502 -12.79 -31.33 -18.78
C ALA A 502 -11.32 -30.97 -18.93
N ARG A 503 -11.02 -29.95 -19.75
CA ARG A 503 -9.63 -29.52 -19.89
C ARG A 503 -9.12 -28.87 -18.60
N LEU A 504 -10.00 -28.16 -17.89
CA LEU A 504 -9.60 -27.60 -16.60
C LEU A 504 -9.17 -28.70 -15.63
N ARG A 505 -9.94 -29.78 -15.57
CA ARG A 505 -9.55 -30.93 -14.75
C ARG A 505 -8.20 -31.50 -15.21
N THR A 506 -7.97 -31.55 -16.51
CA THR A 506 -6.70 -32.05 -17.02
C THR A 506 -5.54 -31.16 -16.57
N VAL A 507 -5.73 -29.85 -16.61
CA VAL A 507 -4.70 -28.94 -16.10
C VAL A 507 -4.43 -29.21 -14.62
N LEU A 508 -5.49 -29.45 -13.84
CA LEU A 508 -5.30 -29.75 -12.43
C LEU A 508 -4.56 -31.08 -12.23
N GLU A 509 -4.89 -32.09 -13.04
CA GLU A 509 -4.17 -33.36 -12.95
C GLU A 509 -2.69 -33.17 -13.20
N HIS A 510 -2.33 -32.47 -14.28
CA HIS A 510 -0.92 -32.23 -14.59
C HIS A 510 -0.24 -31.41 -13.50
N ALA A 511 -0.95 -30.41 -12.95
CA ALA A 511 -0.36 -29.53 -11.95
C ALA A 511 0.02 -30.32 -10.69
N CYS A 512 -0.90 -31.15 -10.19
CA CYS A 512 -0.59 -31.96 -9.02
C CYS A 512 0.53 -32.96 -9.32
N ALA A 513 0.52 -33.53 -10.53
CA ALA A 513 1.55 -34.52 -10.87
C ALA A 513 2.93 -33.88 -10.92
N ASP A 514 3.02 -32.69 -11.50
CA ASP A 514 4.33 -32.09 -11.75
C ASP A 514 4.21 -30.57 -11.85
N PRO A 515 4.20 -29.85 -10.74
CA PRO A 515 4.04 -28.39 -10.81
C PRO A 515 5.28 -27.65 -11.30
N CYS A 516 6.43 -28.33 -11.43
CA CYS A 516 7.63 -27.72 -12.00
C CYS A 516 7.61 -27.71 -13.52
N ARG A 517 6.49 -28.09 -14.13
CA ARG A 517 6.37 -28.08 -15.57
C ARG A 517 5.95 -26.68 -16.04
N PRO A 518 6.64 -26.10 -17.02
CA PRO A 518 6.22 -24.81 -17.55
C PRO A 518 4.78 -24.85 -18.06
N VAL A 519 4.09 -23.73 -17.91
CA VAL A 519 2.73 -23.62 -18.40
C VAL A 519 2.75 -23.46 -19.92
N VAL B 1 11.25 10.92 7.05
CA VAL B 1 10.78 11.75 5.96
C VAL B 1 10.42 13.14 6.50
N THR B 2 11.14 14.17 6.07
CA THR B 2 10.90 15.50 6.61
C THR B 2 9.62 16.12 6.03
N ALA B 3 9.17 15.67 4.86
CA ALA B 3 8.01 16.29 4.21
C ALA B 3 6.77 16.27 5.10
N TYR B 4 6.61 15.20 5.89
CA TYR B 4 5.46 15.12 6.80
C TYR B 4 5.42 16.31 7.75
N GLU B 5 6.57 16.62 8.36
CA GLU B 5 6.67 17.74 9.27
C GLU B 5 6.34 19.06 8.56
N GLU B 6 6.88 19.24 7.33
CA GLU B 6 6.61 20.46 6.58
CA GLU B 6 6.60 20.49 6.61
C GLU B 6 5.11 20.66 6.34
N ILE B 7 4.42 19.57 6.00
CA ILE B 7 2.98 19.66 5.73
C ILE B 7 2.23 20.06 6.99
N VAL B 8 2.55 19.44 8.12
CA VAL B 8 1.86 19.78 9.36
C VAL B 8 2.11 21.24 9.73
N CYS B 9 3.35 21.71 9.58
CA CYS B 9 3.64 23.11 9.86
C CYS B 9 2.83 24.03 8.96
N GLN B 10 2.72 23.68 7.68
CA GLN B 10 1.97 24.48 6.73
C GLN B 10 0.50 24.58 7.14
N VAL B 11 -0.08 23.49 7.65
CA VAL B 11 -1.48 23.50 8.04
C VAL B 11 -1.67 24.28 9.33
N PHE B 12 -0.81 24.04 10.33
CA PHE B 12 -0.84 24.86 11.55
C PHE B 12 -0.83 26.34 11.21
N ALA B 13 0.09 26.75 10.34
CA ALA B 13 0.22 28.17 9.99
C ALA B 13 -1.07 28.68 9.34
N ALA B 14 -1.69 27.90 8.46
CA ALA B 14 -2.89 28.35 7.79
C ALA B 14 -4.06 28.45 8.76
N VAL B 15 -4.25 27.43 9.59
CA VAL B 15 -5.38 27.43 10.52
C VAL B 15 -5.18 28.48 11.60
N LEU B 16 -3.98 28.56 12.17
CA LEU B 16 -3.72 29.51 13.24
C LEU B 16 -3.47 30.93 12.75
N ASP B 17 -3.41 31.13 11.43
CA ASP B 17 -3.08 32.43 10.84
C ASP B 17 -1.79 32.98 11.44
N ARG B 18 -0.73 32.17 11.35
CA ARG B 18 0.56 32.52 11.91
C ARG B 18 1.66 32.23 10.88
N SER B 19 2.82 32.85 11.10
CA SER B 19 3.99 32.60 10.28
C SER B 19 5.17 32.14 11.13
N ASP B 20 4.95 31.87 12.42
CA ASP B 20 6.00 31.52 13.36
C ASP B 20 6.01 30.03 13.70
N VAL B 21 5.36 29.20 12.90
CA VAL B 21 5.19 27.79 13.25
C VAL B 21 6.49 27.05 13.00
N THR B 22 7.04 26.46 14.06
CA THR B 22 8.22 25.62 14.00
C THR B 22 7.85 24.19 14.40
N ALA B 23 8.77 23.27 14.14
CA ALA B 23 8.47 21.84 14.30
C ALA B 23 8.13 21.47 15.73
N ASP B 24 8.49 22.29 16.72
CA ASP B 24 8.27 21.97 18.12
C ASP B 24 7.25 22.87 18.79
N ALA B 25 6.52 23.69 18.02
CA ALA B 25 5.53 24.57 18.58
C ALA B 25 4.25 23.81 18.93
N ASP B 26 3.71 24.06 20.11
CA ASP B 26 2.51 23.38 20.57
C ASP B 26 1.27 24.05 19.98
N PHE B 27 0.36 23.24 19.45
CA PHE B 27 -0.83 23.76 18.78
C PHE B 27 -1.61 24.70 19.69
N PHE B 28 -1.93 24.25 20.91
CA PHE B 28 -2.76 25.06 21.80
C PHE B 28 -1.99 26.27 22.32
N ALA B 29 -0.69 26.11 22.57
CA ALA B 29 0.11 27.25 23.02
C ALA B 29 0.22 28.32 21.94
N LEU B 30 0.13 27.94 20.67
CA LEU B 30 0.11 28.90 19.57
C LEU B 30 -1.24 29.57 19.38
N GLY B 31 -2.25 29.22 20.18
CA GLY B 31 -3.57 29.79 20.05
C GLY B 31 -4.62 28.81 19.56
N GLY B 32 -4.28 27.56 19.31
CA GLY B 32 -5.28 26.58 18.91
C GLY B 32 -6.24 26.26 20.04
N HIS B 33 -7.39 25.73 19.67
CA HIS B 33 -8.39 25.28 20.63
C HIS B 33 -9.24 24.23 19.95
N SER B 34 -10.20 23.68 20.70
CA SER B 34 -10.96 22.52 20.25
C SER B 34 -11.62 22.76 18.88
N LEU B 35 -12.22 23.94 18.70
CA LEU B 35 -12.90 24.20 17.44
C LEU B 35 -11.92 24.23 16.27
N LEU B 36 -10.74 24.81 16.46
CA LEU B 36 -9.76 24.86 15.38
C LEU B 36 -9.15 23.49 15.10
N SER B 37 -9.15 22.59 16.09
CA SER B 37 -8.59 21.27 15.85
C SER B 37 -9.31 20.53 14.73
N LEU B 38 -10.59 20.85 14.52
CA LEU B 38 -11.34 20.24 13.42
C LEU B 38 -10.72 20.60 12.08
N ARG B 39 -10.26 21.84 11.92
CA ARG B 39 -9.71 22.27 10.64
C ARG B 39 -8.36 21.64 10.37
N VAL B 40 -7.51 21.53 11.39
CA VAL B 40 -6.22 20.86 11.25
C VAL B 40 -6.42 19.42 10.77
N VAL B 41 -7.34 18.71 11.43
CA VAL B 41 -7.60 17.31 11.10
C VAL B 41 -8.09 17.18 9.66
N ALA B 42 -9.08 17.99 9.30
CA ALA B 42 -9.64 17.91 7.95
C ALA B 42 -8.59 18.20 6.89
N ARG B 43 -7.79 19.24 7.10
CA ARG B 43 -6.78 19.60 6.11
C ARG B 43 -5.71 18.52 5.99
N LEU B 44 -5.31 17.93 7.12
CA LEU B 44 -4.27 16.90 7.09
C LEU B 44 -4.76 15.64 6.38
N ARG B 45 -6.01 15.25 6.62
CA ARG B 45 -6.57 14.11 5.89
C ARG B 45 -6.58 14.37 4.39
N ALA B 46 -6.92 15.60 3.98
CA ALA B 46 -7.00 15.92 2.56
C ALA B 46 -5.63 16.07 1.92
N LEU B 47 -4.61 16.48 2.67
CA LEU B 47 -3.27 16.65 2.12
C LEU B 47 -2.43 15.39 2.22
N LEU B 48 -2.52 14.65 3.31
CA LEU B 48 -1.71 13.46 3.52
C LEU B 48 -2.42 12.16 3.16
N GLY B 49 -3.74 12.20 2.98
CA GLY B 49 -4.46 10.98 2.60
C GLY B 49 -4.38 9.86 3.60
N VAL B 50 -4.14 10.19 4.88
CA VAL B 50 -4.19 9.20 5.95
C VAL B 50 -5.27 9.63 6.94
N ASP B 51 -5.74 8.67 7.72
CA ASP B 51 -6.75 8.99 8.72
C ASP B 51 -6.08 9.76 9.86
N VAL B 52 -6.58 10.96 10.11
CA VAL B 52 -6.17 11.76 11.26
C VAL B 52 -7.43 12.03 12.06
N GLY B 53 -7.30 11.98 13.40
CA GLY B 53 -8.39 12.31 14.29
C GLY B 53 -7.99 13.41 15.25
N VAL B 54 -8.99 13.93 15.96
CA VAL B 54 -8.75 14.96 16.96
C VAL B 54 -7.82 14.43 18.05
N ARG B 55 -7.97 13.15 18.42
CA ARG B 55 -7.12 12.56 19.43
C ARG B 55 -5.64 12.64 19.04
N ASP B 56 -5.33 12.39 17.76
CA ASP B 56 -3.96 12.49 17.30
C ASP B 56 -3.36 13.87 17.60
N LEU B 57 -4.12 14.92 17.31
CA LEU B 57 -3.63 16.28 17.57
C LEU B 57 -3.51 16.53 19.06
N PHE B 58 -4.50 16.11 19.85
CA PHE B 58 -4.42 16.31 21.30
C PHE B 58 -3.22 15.55 21.89
N GLU B 59 -3.01 14.31 21.44
CA GLU B 59 -1.92 13.52 21.98
C GLU B 59 -0.56 13.94 21.41
N ALA B 60 -0.53 14.43 20.18
CA ALA B 60 0.72 14.86 19.52
C ALA B 60 0.52 16.28 19.01
N PRO B 61 0.62 17.29 19.89
CA PRO B 61 0.25 18.65 19.52
C PRO B 61 1.36 19.45 18.83
N THR B 62 2.59 18.91 18.69
CA THR B 62 3.59 19.62 17.90
C THR B 62 3.70 19.01 16.52
N PRO B 63 4.07 19.81 15.51
CA PRO B 63 4.23 19.25 14.15
C PRO B 63 5.17 18.06 14.07
N ALA B 64 6.33 18.13 14.74
CA ALA B 64 7.25 17.00 14.71
C ALA B 64 6.62 15.76 15.32
N ALA B 65 5.91 15.92 16.44
CA ALA B 65 5.29 14.77 17.09
C ALA B 65 4.11 14.25 16.29
N LEU B 66 3.30 15.16 15.74
CA LEU B 66 2.13 14.73 14.97
C LEU B 66 2.53 14.06 13.67
N ALA B 67 3.54 14.60 12.98
CA ALA B 67 3.99 13.98 11.74
C ALA B 67 4.52 12.57 12.00
N ALA B 68 5.33 12.41 13.05
CA ALA B 68 5.83 11.08 13.39
C ALA B 68 4.68 10.14 13.73
N ARG B 69 3.66 10.67 14.40
CA ARG B 69 2.54 9.83 14.81
C ARG B 69 1.72 9.35 13.62
N LEU B 70 1.43 10.24 12.68
CA LEU B 70 0.55 9.91 11.56
C LEU B 70 1.20 8.99 10.53
N THR B 71 2.50 8.72 10.63
CA THR B 71 3.17 7.92 9.63
C THR B 71 3.67 6.59 10.16
N THR B 72 3.88 6.47 11.49
CA THR B 72 4.16 5.19 12.12
C THR B 72 2.88 4.47 12.57
N GLN B 73 1.75 4.73 11.91
CA GLN B 73 0.47 4.12 12.27
C GLN B 73 0.56 2.59 12.23
N ARG B 77 7.64 0.48 14.05
CA ARG B 77 9.07 0.78 14.10
C ARG B 77 9.48 1.34 15.46
N PRO B 78 10.45 0.70 16.10
CA PRO B 78 10.78 1.07 17.49
C PRO B 78 11.59 2.35 17.56
N ALA B 79 11.45 3.02 18.71
CA ALA B 79 12.27 4.19 18.99
C ALA B 79 13.73 3.78 19.14
N VAL B 80 14.62 4.73 18.87
CA VAL B 80 16.04 4.48 19.06
C VAL B 80 16.32 4.31 20.54
N THR B 81 16.93 3.19 20.90
CA THR B 81 17.38 2.98 22.27
C THR B 81 18.87 3.25 22.34
N ARG B 82 19.25 4.09 23.30
CA ARG B 82 20.66 4.35 23.57
C ARG B 82 21.28 3.10 24.17
N ARG B 83 22.06 2.38 23.38
CA ARG B 83 22.78 1.27 23.93
C ARG B 83 23.79 1.79 24.97
N GLY B 84 24.28 0.88 25.80
CA GLY B 84 25.03 1.31 26.96
C GLY B 84 26.44 1.75 26.63
N PRO B 85 27.22 2.01 27.68
CA PRO B 85 28.63 2.35 27.48
C PRO B 85 29.39 1.24 26.77
N ASP B 86 30.29 1.64 25.88
CA ASP B 86 31.17 0.73 25.14
C ASP B 86 30.41 -0.24 24.25
N ALA B 87 29.19 0.10 23.86
CA ALA B 87 28.55 -0.64 22.80
C ALA B 87 29.39 -0.53 21.53
N PRO B 88 29.59 -1.62 20.80
CA PRO B 88 30.47 -1.58 19.62
C PRO B 88 29.83 -0.79 18.49
N PRO B 89 30.63 -0.20 17.61
CA PRO B 89 30.07 0.59 16.51
C PRO B 89 29.33 -0.29 15.51
N VAL B 90 28.32 0.30 14.88
CA VAL B 90 27.52 -0.35 13.85
C VAL B 90 27.43 0.60 12.67
N LEU B 91 27.96 0.19 11.52
CA LEU B 91 27.80 0.99 10.31
C LEU B 91 26.38 0.88 9.79
N SER B 92 25.75 2.02 9.52
CA SER B 92 24.45 2.00 8.87
C SER B 92 24.62 1.59 7.40
N HIS B 93 23.51 1.20 6.78
CA HIS B 93 23.58 0.88 5.36
C HIS B 93 23.93 2.11 4.53
N PHE B 94 23.51 3.31 4.98
CA PHE B 94 23.96 4.54 4.33
C PHE B 94 25.48 4.62 4.31
N GLN B 95 26.10 4.36 5.46
CA GLN B 95 27.56 4.47 5.55
C GLN B 95 28.25 3.43 4.69
N ARG B 96 27.73 2.20 4.68
CA ARG B 96 28.30 1.16 3.83
C ARG B 96 28.23 1.57 2.37
N ARG B 97 27.12 2.21 1.97
CA ARG B 97 26.96 2.60 0.58
C ARG B 97 27.87 3.77 0.22
N LEU B 98 28.10 4.70 1.15
CA LEU B 98 29.00 5.81 0.89
C LEU B 98 30.45 5.34 0.84
N TRP B 99 30.81 4.34 1.64
CA TRP B 99 32.11 3.70 1.49
C TRP B 99 32.22 3.02 0.13
N LEU B 100 31.15 2.34 -0.28
CA LEU B 100 31.18 1.58 -1.53
C LEU B 100 31.41 2.49 -2.72
N ILE B 101 30.76 3.67 -2.74
CA ILE B 101 30.90 4.56 -3.89
C ILE B 101 32.34 5.00 -4.05
N GLU B 102 33.06 5.18 -2.94
CA GLU B 102 34.48 5.52 -3.02
C GLU B 102 35.33 4.37 -3.54
N GLN B 103 34.83 3.13 -3.50
CA GLN B 103 35.58 2.01 -4.06
C GLN B 103 35.23 1.77 -5.54
N VAL B 104 33.98 1.99 -5.93
CA VAL B 104 33.61 1.83 -7.33
C VAL B 104 34.23 2.91 -8.18
N TYR B 105 34.26 4.15 -7.69
CA TYR B 105 34.69 5.30 -8.46
C TYR B 105 35.87 5.99 -7.80
N GLN B 106 36.61 6.73 -8.61
CA GLN B 106 37.45 7.83 -8.13
C GLN B 106 36.54 9.04 -8.12
N THR B 107 36.04 9.40 -6.94
CA THR B 107 35.04 10.46 -6.82
C THR B 107 35.66 11.85 -6.85
N ARG B 108 36.99 11.95 -6.72
CA ARG B 108 37.68 13.24 -6.67
C ARG B 108 37.17 14.11 -5.51
N GLY B 109 36.69 13.46 -4.45
CA GLY B 109 36.18 14.18 -3.30
C GLY B 109 34.74 14.63 -3.42
N ALA B 110 33.97 14.09 -4.36
CA ALA B 110 32.60 14.54 -4.55
C ALA B 110 31.72 14.23 -3.34
N TYR B 111 32.10 13.28 -2.50
CA TYR B 111 31.29 12.90 -1.35
C TYR B 111 31.82 13.49 -0.05
N ASN B 112 32.71 14.49 -0.14
CA ASN B 112 33.01 15.37 0.99
C ASN B 112 31.98 16.49 1.00
N VAL B 113 31.56 16.91 2.18
CA VAL B 113 30.57 17.97 2.33
C VAL B 113 31.20 19.14 3.09
N PRO B 114 31.17 20.35 2.56
CA PRO B 114 31.81 21.48 3.24
C PRO B 114 30.85 22.28 4.09
N LEU B 115 31.35 22.90 5.15
CA LEU B 115 30.60 23.90 5.91
C LEU B 115 31.56 25.04 6.20
N ALA B 116 31.32 26.20 5.59
CA ALA B 116 32.24 27.32 5.66
C ALA B 116 31.56 28.49 6.36
N VAL B 117 32.26 29.09 7.32
CA VAL B 117 31.74 30.19 8.12
C VAL B 117 32.75 31.32 8.10
N HIS B 118 32.33 32.49 7.60
CA HIS B 118 33.16 33.68 7.77
C HIS B 118 33.04 34.15 9.21
N VAL B 119 34.19 34.47 9.82
CA VAL B 119 34.25 34.96 11.18
C VAL B 119 34.98 36.29 11.18
N SER B 120 34.41 37.29 11.86
CA SER B 120 34.99 38.63 11.85
C SER B 120 36.33 38.68 12.58
N ASP B 121 36.58 37.74 13.48
CA ASP B 121 37.88 37.59 14.12
C ASP B 121 38.58 36.37 13.58
N ARG B 122 39.91 36.46 13.47
CA ARG B 122 40.71 35.24 13.35
C ARG B 122 40.61 34.47 14.65
N LEU B 123 40.26 33.18 14.55
CA LEU B 123 40.10 32.37 15.74
C LEU B 123 41.46 31.92 16.26
N ASP B 124 41.52 31.61 17.56
CA ASP B 124 42.73 31.07 18.16
C ASP B 124 42.88 29.61 17.72
N LEU B 125 43.98 29.31 17.03
CA LEU B 125 44.13 27.99 16.43
C LEU B 125 44.18 26.90 17.49
N ASP B 126 44.83 27.16 18.63
CA ASP B 126 44.94 26.15 19.67
C ASP B 126 43.59 25.92 20.36
N VAL B 127 42.84 26.99 20.63
CA VAL B 127 41.49 26.84 21.17
C VAL B 127 40.61 26.08 20.20
N LEU B 128 40.70 26.41 18.91
CA LEU B 128 39.91 25.72 17.90
C LEU B 128 40.21 24.23 17.87
N ARG B 129 41.50 23.87 17.92
CA ARG B 129 41.87 22.46 17.91
C ARG B 129 41.29 21.74 19.12
N ALA B 130 41.37 22.36 20.30
CA ALA B 130 40.78 21.74 21.49
C ALA B 130 39.27 21.61 21.34
N ALA B 131 38.63 22.61 20.73
CA ALA B 131 37.19 22.57 20.53
C ALA B 131 36.80 21.46 19.55
N VAL B 132 37.57 21.28 18.49
CA VAL B 132 37.31 20.20 17.55
C VAL B 132 37.49 18.85 18.23
N ARG B 133 38.47 18.74 19.13
CA ARG B 133 38.64 17.53 19.92
C ARG B 133 37.40 17.24 20.77
N ASP B 134 36.88 18.27 21.45
CA ASP B 134 35.64 18.11 22.20
C ASP B 134 34.51 17.63 21.30
N LEU B 135 34.36 18.28 20.13
CA LEU B 135 33.31 17.90 19.18
C LEU B 135 33.44 16.44 18.79
N VAL B 136 34.65 16.01 18.42
CA VAL B 136 34.87 14.63 18.01
C VAL B 136 34.64 13.67 19.18
N ALA B 137 35.05 14.07 20.38
CA ALA B 137 34.79 13.24 21.55
C ALA B 137 33.29 13.05 21.79
N ARG B 138 32.49 14.06 21.47
CA ARG B 138 31.06 14.02 21.75
C ARG B 138 30.32 13.12 20.76
N HIS B 139 30.69 13.15 19.48
CA HIS B 139 29.98 12.43 18.42
C HIS B 139 30.84 11.28 17.94
N GLU B 140 30.46 10.04 18.29
CA GLU B 140 31.22 8.87 17.89
C GLU B 140 31.38 8.80 16.38
N VAL B 141 30.37 9.25 15.63
CA VAL B 141 30.41 9.12 14.18
C VAL B 141 31.55 9.92 13.58
N LEU B 142 32.01 10.98 14.25
CA LEU B 142 33.12 11.77 13.76
C LEU B 142 34.46 11.12 14.01
N ARG B 143 34.52 10.02 14.75
CA ARG B 143 35.77 9.31 14.99
C ARG B 143 35.62 7.82 14.74
N THR B 144 34.70 7.45 13.87
CA THR B 144 34.51 6.06 13.46
C THR B 144 35.18 5.88 12.10
N LEU B 145 36.27 5.14 12.08
CA LEU B 145 36.92 4.81 10.81
C LEU B 145 36.23 3.64 10.15
N VAL B 146 36.52 3.45 8.87
CA VAL B 146 35.97 2.34 8.10
C VAL B 146 37.13 1.65 7.38
N ARG B 147 37.38 0.41 7.74
CA ARG B 147 38.50 -0.34 7.21
C ARG B 147 38.01 -1.45 6.30
N SER B 148 38.71 -1.62 5.18
CA SER B 148 38.33 -2.59 4.17
C SER B 148 38.70 -3.99 4.64
N SER B 149 37.70 -4.87 4.71
CA SER B 149 37.92 -6.29 4.90
C SER B 149 37.44 -7.03 3.65
N ASP B 150 37.38 -8.35 3.74
CA ASP B 150 36.90 -9.18 2.63
C ASP B 150 35.38 -9.09 2.48
N ASP B 151 34.65 -9.33 3.57
CA ASP B 151 33.19 -9.22 3.57
C ASP B 151 32.73 -7.86 3.09
N GLY B 152 33.52 -6.83 3.37
CA GLY B 152 33.18 -5.46 3.06
C GLY B 152 33.86 -4.54 4.03
N PRO B 153 33.20 -3.45 4.38
CA PRO B 153 33.76 -2.53 5.37
C PRO B 153 33.44 -2.91 6.81
N ASP B 154 34.38 -2.60 7.69
CA ASP B 154 34.21 -2.78 9.13
C ASP B 154 34.41 -1.46 9.86
N PRO B 155 33.54 -1.13 10.82
CA PRO B 155 33.75 0.09 11.60
C PRO B 155 34.82 -0.10 12.66
N VAL B 156 35.55 0.97 12.92
CA VAL B 156 36.56 1.01 13.98
C VAL B 156 36.35 2.32 14.73
N LEU B 157 35.77 2.24 15.92
CA LEU B 157 35.54 3.43 16.73
C LEU B 157 36.82 3.81 17.48
N LEU B 158 37.38 4.96 17.15
CA LEU B 158 38.54 5.46 17.86
C LEU B 158 38.12 6.04 19.21
N ALA B 159 38.92 5.75 20.23
CA ALA B 159 38.74 6.43 21.51
C ALA B 159 39.13 7.90 21.35
N PRO B 160 38.49 8.79 22.11
CA PRO B 160 38.78 10.23 21.95
C PRO B 160 40.26 10.57 22.03
N GLU B 161 41.00 9.94 22.95
CA GLU B 161 42.43 10.19 23.04
C GLU B 161 43.19 9.66 21.83
N ASP B 162 42.62 8.73 21.08
CA ASP B 162 43.26 8.17 19.89
C ASP B 162 42.79 8.82 18.60
N ALA B 163 41.86 9.76 18.67
CA ALA B 163 41.37 10.45 17.47
C ALA B 163 42.29 11.63 17.21
N ALA B 164 43.20 11.49 16.26
CA ALA B 164 44.11 12.57 15.87
C ALA B 164 43.34 13.52 14.96
N VAL B 165 42.86 14.63 15.53
CA VAL B 165 42.12 15.59 14.73
C VAL B 165 43.07 16.30 13.76
N ASP B 166 42.51 16.79 12.66
CA ASP B 166 43.27 17.45 11.61
C ASP B 166 42.78 18.88 11.54
N VAL B 167 43.49 19.79 12.20
CA VAL B 167 43.11 21.20 12.28
C VAL B 167 44.32 22.03 11.89
N ALA B 168 44.13 22.95 10.95
CA ALA B 168 45.26 23.70 10.42
C ALA B 168 44.80 25.05 9.90
N GLU B 169 45.73 26.01 9.89
CA GLU B 169 45.52 27.30 9.28
C GLU B 169 46.10 27.29 7.88
N VAL B 170 45.41 27.96 6.95
CA VAL B 170 45.83 28.05 5.55
C VAL B 170 45.76 29.51 5.13
N GLN B 171 46.85 30.01 4.55
CA GLN B 171 46.88 31.39 4.09
C GLN B 171 46.29 31.48 2.68
N ALA B 172 45.30 32.34 2.52
CA ALA B 172 44.65 32.53 1.23
C ALA B 172 45.62 33.15 0.24
N ALA B 173 45.86 32.47 -0.88
CA ALA B 173 46.72 33.00 -1.94
C ALA B 173 45.87 33.82 -2.91
N GLY B 174 44.96 33.15 -3.62
CA GLY B 174 44.06 33.82 -4.53
C GLY B 174 42.65 33.90 -3.99
N PRO B 175 41.66 33.74 -4.88
CA PRO B 175 40.26 33.87 -4.45
C PRO B 175 39.89 32.83 -3.41
N VAL B 176 39.36 33.30 -2.28
CA VAL B 176 39.03 32.41 -1.16
C VAL B 176 38.05 31.34 -1.59
N ALA B 177 37.08 31.70 -2.45
CA ALA B 177 36.04 30.75 -2.82
C ALA B 177 36.61 29.53 -3.53
N ASP B 178 37.60 29.72 -4.40
CA ASP B 178 38.22 28.59 -5.09
C ASP B 178 39.09 27.77 -4.15
N LEU B 179 39.77 28.45 -3.21
CA LEU B 179 40.53 27.72 -2.20
C LEU B 179 39.61 26.82 -1.38
N LEU B 180 38.43 27.33 -0.99
CA LEU B 180 37.48 26.51 -0.25
C LEU B 180 37.08 25.27 -1.03
N ALA B 181 36.84 25.43 -2.34
CA ALA B 181 36.46 24.28 -3.15
C ALA B 181 37.57 23.24 -3.21
N GLU B 182 38.81 23.69 -3.36
CA GLU B 182 39.93 22.77 -3.42
C GLU B 182 40.15 22.06 -2.08
N LEU B 183 40.07 22.81 -0.98
CA LEU B 183 40.21 22.19 0.35
C LEU B 183 39.11 21.16 0.57
N THR B 184 37.90 21.45 0.09
CA THR B 184 36.78 20.53 0.26
C THR B 184 37.03 19.22 -0.45
N ALA B 185 37.67 19.26 -1.62
CA ALA B 185 37.82 18.09 -2.47
C ALA B 185 38.97 17.18 -2.06
N GLN B 186 39.82 17.59 -1.13
CA GLN B 186 40.96 16.76 -0.74
C GLN B 186 40.44 15.43 -0.18
N PRO B 187 41.04 14.31 -0.57
CA PRO B 187 40.46 13.01 -0.22
C PRO B 187 40.67 12.64 1.23
N PHE B 188 39.68 11.92 1.77
CA PHE B 188 39.85 11.21 3.03
C PHE B 188 40.31 9.79 2.76
N ASP B 189 41.26 9.32 3.56
CA ASP B 189 41.52 7.89 3.65
C ASP B 189 40.66 7.40 4.81
N LEU B 190 39.50 6.82 4.47
CA LEU B 190 38.53 6.45 5.51
C LEU B 190 39.05 5.39 6.46
N ALA B 191 40.08 4.64 6.05
CA ALA B 191 40.61 3.58 6.91
C ALA B 191 41.54 4.10 7.98
N THR B 192 42.09 5.30 7.82
CA THR B 192 43.11 5.82 8.73
C THR B 192 42.84 7.23 9.26
N GLN B 193 41.96 8.01 8.64
CA GLN B 193 41.70 9.39 9.05
C GLN B 193 40.26 9.55 9.47
N ILE B 194 40.03 10.26 10.57
CA ILE B 194 38.66 10.55 11.00
C ILE B 194 37.99 11.36 9.91
N PRO B 195 36.68 11.21 9.71
CA PRO B 195 36.03 11.84 8.55
C PRO B 195 35.68 13.31 8.77
N LEU B 196 36.56 14.07 9.43
CA LEU B 196 36.37 15.50 9.61
C LEU B 196 37.73 16.18 9.53
N ARG B 197 37.83 17.18 8.66
CA ARG B 197 38.98 18.08 8.56
C ARG B 197 38.51 19.49 8.85
N VAL B 198 39.36 20.28 9.51
CA VAL B 198 39.03 21.66 9.82
C VAL B 198 40.16 22.56 9.35
N ARG B 199 39.80 23.62 8.62
CA ARG B 199 40.75 24.59 8.10
C ARG B 199 40.30 25.99 8.46
N MET B 200 41.24 26.81 8.90
CA MET B 200 41.00 28.23 9.16
C MET B 200 41.79 29.01 8.11
N ILE B 201 41.07 29.64 7.19
CA ILE B 201 41.69 30.38 6.09
C ILE B 201 41.90 31.82 6.54
N THR B 202 43.14 32.28 6.47
CA THR B 202 43.47 33.68 6.73
C THR B 202 44.26 34.24 5.55
N GLY B 203 44.48 35.54 5.59
CA GLY B 203 45.21 36.20 4.52
C GLY B 203 44.90 37.68 4.51
N GLU B 204 45.72 38.42 3.75
CA GLU B 204 45.54 39.86 3.64
C GLU B 204 44.18 40.20 3.05
N GLN B 205 43.67 39.37 2.15
CA GLN B 205 42.37 39.57 1.52
C GLN B 205 41.20 39.19 2.42
N VAL B 206 41.45 38.64 3.61
CA VAL B 206 40.42 38.10 4.47
C VAL B 206 40.31 38.97 5.72
N ASP B 207 39.10 39.45 6.00
CA ASP B 207 38.83 40.22 7.21
C ASP B 207 38.36 39.26 8.29
N GLY B 208 39.28 38.87 9.17
CA GLY B 208 39.00 37.84 10.15
C GLY B 208 39.53 36.50 9.70
N CYS B 209 38.64 35.54 9.50
CA CYS B 209 39.03 34.25 8.93
C CYS B 209 37.79 33.60 8.33
N VAL B 210 38.01 32.55 7.54
CA VAL B 210 36.94 31.68 7.10
C VAL B 210 37.20 30.31 7.70
N LEU B 211 36.24 29.83 8.48
CA LEU B 211 36.33 28.53 9.14
C LEU B 211 35.66 27.49 8.26
N LEU B 212 36.43 26.51 7.79
CA LEU B 212 35.92 25.48 6.89
C LEU B 212 35.95 24.14 7.62
N LEU B 213 34.78 23.55 7.80
CA LEU B 213 34.66 22.15 8.22
C LEU B 213 34.40 21.31 6.98
N VAL B 214 35.20 20.26 6.80
CA VAL B 214 34.97 19.28 5.73
C VAL B 214 34.72 17.94 6.40
N CYS B 215 33.52 17.42 6.22
CA CYS B 215 33.21 16.05 6.60
C CYS B 215 33.15 15.18 5.36
N HIS B 216 33.51 13.91 5.50
CA HIS B 216 33.05 12.94 4.53
C HIS B 216 31.60 12.60 4.84
N HIS B 217 30.79 12.46 3.78
CA HIS B 217 29.36 12.21 3.96
C HIS B 217 29.09 11.01 4.84
N ILE B 218 30.03 10.07 4.96
CA ILE B 218 29.83 8.92 5.82
C ILE B 218 29.53 9.34 7.26
N ALA B 219 29.90 10.57 7.63
CA ALA B 219 29.70 11.07 8.99
C ALA B 219 28.69 12.22 9.08
N ALA B 220 28.18 12.73 7.97
CA ALA B 220 27.31 13.90 8.07
C ALA B 220 26.53 14.17 6.79
N ASP B 221 25.22 14.42 6.93
CA ASP B 221 24.41 15.04 5.89
C ASP B 221 24.30 16.53 6.18
N GLU B 222 23.56 17.24 5.30
CA GLU B 222 23.44 18.69 5.46
C GLU B 222 22.57 19.10 6.65
N TRP B 223 21.75 18.20 7.18
CA TRP B 223 21.05 18.52 8.41
C TRP B 223 21.98 18.53 9.62
N SER B 224 23.24 18.09 9.45
CA SER B 224 24.21 18.10 10.54
C SER B 224 24.90 19.45 10.68
N PHE B 225 24.67 20.39 9.77
CA PHE B 225 25.33 21.68 9.87
C PHE B 225 24.95 22.39 11.16
N ALA B 226 23.67 22.34 11.53
CA ALA B 226 23.21 23.05 12.71
C ALA B 226 23.82 22.50 13.99
N PRO B 227 23.77 21.19 14.28
CA PRO B 227 24.43 20.72 15.50
C PRO B 227 25.95 20.84 15.48
N LEU B 228 26.57 20.65 14.31
CA LEU B 228 28.02 20.85 14.22
C LEU B 228 28.41 22.24 14.68
N LEU B 229 27.72 23.27 14.19
CA LEU B 229 28.05 24.63 14.58
C LEU B 229 27.68 24.91 16.03
N ARG B 230 26.50 24.46 16.47
CA ARG B 230 26.11 24.68 17.86
C ARG B 230 27.13 24.07 18.81
N ASP B 231 27.56 22.84 18.55
CA ASP B 231 28.47 22.17 19.47
C ASP B 231 29.89 22.72 19.34
N LEU B 232 30.35 23.01 18.12
CA LEU B 232 31.67 23.59 17.97
C LEU B 232 31.75 24.96 18.64
N ASP B 233 30.69 25.76 18.51
CA ASP B 233 30.64 27.06 19.18
C ASP B 233 30.68 26.90 20.69
N THR B 234 29.87 25.98 21.22
CA THR B 234 29.86 25.72 22.65
C THR B 234 31.24 25.30 23.15
N ALA B 235 31.91 24.42 22.41
CA ALA B 235 33.22 23.94 22.83
C ALA B 235 34.27 25.03 22.69
N TYR B 236 34.20 25.84 21.62
CA TYR B 236 35.20 26.88 21.42
C TYR B 236 35.15 27.92 22.53
N ARG B 237 33.95 28.38 22.88
CA ARG B 237 33.82 29.42 23.89
C ARG B 237 34.20 28.90 25.28
N ALA B 238 33.91 27.64 25.58
CA ALA B 238 34.36 27.07 26.84
C ALA B 238 35.88 27.02 26.89
N ARG B 239 36.50 26.39 25.89
CA ARG B 239 37.96 26.28 25.88
C ARG B 239 38.62 27.65 25.86
N ALA B 240 38.01 28.63 25.20
CA ALA B 240 38.54 29.99 25.24
C ALA B 240 38.50 30.55 26.66
N ALA B 241 37.53 30.12 27.46
CA ALA B 241 37.44 30.52 28.86
C ALA B 241 38.18 29.56 29.78
N GLY B 242 38.89 28.59 29.22
CA GLY B 242 39.77 27.74 30.00
C GLY B 242 39.13 26.55 30.66
N ARG B 243 38.04 26.02 30.11
CA ARG B 243 37.41 24.85 30.71
C ARG B 243 36.75 24.00 29.63
N ALA B 244 36.36 22.80 30.01
CA ALA B 244 35.67 21.88 29.14
C ALA B 244 34.22 22.31 28.96
N PRO B 245 33.64 22.06 27.78
CA PRO B 245 32.22 22.37 27.57
C PRO B 245 31.34 21.55 28.49
N ASP B 246 30.22 22.15 28.88
CA ASP B 246 29.28 21.55 29.82
C ASP B 246 28.12 20.98 29.00
N TRP B 247 28.09 19.66 28.85
CA TRP B 247 27.27 19.01 27.85
C TRP B 247 26.26 18.05 28.47
N GLU B 248 24.99 18.31 28.24
CA GLU B 248 23.98 17.29 28.25
C GLU B 248 24.39 16.19 27.27
N PRO B 249 24.58 14.95 27.72
CA PRO B 249 24.97 13.89 26.78
C PRO B 249 23.91 13.65 25.72
N LEU B 250 24.33 13.01 24.64
CA LEU B 250 23.46 12.80 23.50
C LEU B 250 22.37 11.79 23.84
N PRO B 251 21.14 12.01 23.37
CA PRO B 251 20.11 10.96 23.51
C PRO B 251 20.45 9.68 22.76
N ALA B 252 21.31 9.76 21.74
CA ALA B 252 21.75 8.57 21.02
C ALA B 252 22.99 8.90 20.22
N GLN B 253 23.84 7.89 20.05
CA GLN B 253 24.93 7.95 19.07
C GLN B 253 24.45 7.36 17.75
N TYR B 254 25.22 7.61 16.69
CA TYR B 254 24.78 7.15 15.38
C TYR B 254 24.68 5.63 15.31
N SER B 255 25.60 4.93 15.98
CA SER B 255 25.52 3.47 16.00
C SER B 255 24.26 2.96 16.70
N ASP B 256 23.76 3.70 17.70
CA ASP B 256 22.46 3.35 18.29
C ASP B 256 21.37 3.38 17.22
N TYR B 257 21.33 4.47 16.45
CA TYR B 257 20.37 4.58 15.37
C TYR B 257 20.55 3.47 14.35
N ALA B 258 21.80 3.19 13.97
CA ALA B 258 22.08 2.16 12.97
C ALA B 258 21.60 0.78 13.44
N ALA B 259 21.88 0.45 14.70
CA ALA B 259 21.48 -0.85 15.23
C ALA B 259 19.97 -1.02 15.23
N THR B 260 19.25 -0.01 15.73
CA THR B 260 17.79 -0.08 15.77
C THR B 260 17.21 -0.22 14.37
N LEU B 261 17.71 0.58 13.43
CA LEU B 261 17.18 0.58 12.07
C LEU B 261 17.38 -0.77 11.40
N HIS B 262 18.60 -1.31 11.47
CA HIS B 262 18.88 -2.57 10.80
C HIS B 262 18.09 -3.72 11.42
N ASP B 263 17.86 -3.68 12.73
CA ASP B 263 17.04 -4.72 13.36
C ASP B 263 15.60 -4.63 12.91
N TRP B 264 15.06 -3.42 12.78
CA TRP B 264 13.68 -3.28 12.33
C TRP B 264 13.56 -3.56 10.83
N LEU B 265 14.58 -3.18 10.06
CA LEU B 265 14.56 -3.41 8.62
C LEU B 265 14.37 -4.90 8.28
N GLY B 266 15.08 -5.77 8.97
CA GLY B 266 14.97 -7.19 8.70
C GLY B 266 15.81 -7.63 7.51
N GLU B 267 15.49 -8.80 6.98
CA GLU B 267 16.23 -9.40 5.87
C GLU B 267 15.37 -9.43 4.62
N ALA B 268 16.02 -9.24 3.47
CA ALA B 268 15.30 -9.21 2.19
C ALA B 268 14.60 -10.52 1.88
N THR B 269 15.07 -11.63 2.43
CA THR B 269 14.48 -12.94 2.19
C THR B 269 13.25 -13.21 3.04
N ASP B 270 12.96 -12.36 4.03
CA ASP B 270 11.79 -12.51 4.87
C ASP B 270 10.62 -11.78 4.23
N PRO B 271 9.61 -12.47 3.70
CA PRO B 271 8.53 -11.77 2.98
C PRO B 271 7.77 -10.76 3.83
N ALA B 272 7.77 -10.91 5.15
CA ALA B 272 7.05 -9.97 6.01
C ALA B 272 7.92 -8.81 6.49
N SER B 273 9.22 -8.83 6.21
CA SER B 273 10.11 -7.77 6.68
C SER B 273 9.78 -6.44 6.01
N PRO B 274 10.02 -5.32 6.70
CA PRO B 274 9.84 -4.02 6.04
C PRO B 274 10.70 -3.87 4.81
N LEU B 275 11.93 -4.42 4.83
CA LEU B 275 12.81 -4.33 3.67
C LEU B 275 12.19 -4.98 2.44
N ARG B 276 11.74 -6.24 2.57
CA ARG B 276 11.19 -6.94 1.42
C ARG B 276 9.91 -6.29 0.93
N ARG B 277 9.02 -5.90 1.85
CA ARG B 277 7.77 -5.26 1.44
C ARG B 277 8.03 -3.95 0.72
N GLN B 278 9.03 -3.19 1.18
CA GLN B 278 9.36 -1.94 0.49
C GLN B 278 10.12 -2.19 -0.81
N LEU B 279 10.96 -3.23 -0.85
CA LEU B 279 11.63 -3.57 -2.11
C LEU B 279 10.61 -4.03 -3.16
N ASP B 280 9.59 -4.77 -2.73
CA ASP B 280 8.57 -5.18 -3.69
C ASP B 280 7.82 -3.97 -4.25
N TYR B 281 7.55 -2.97 -3.41
CA TYR B 281 6.96 -1.74 -3.93
C TYR B 281 7.86 -1.12 -4.99
N TRP B 282 9.15 -1.01 -4.70
CA TRP B 282 10.05 -0.31 -5.62
C TRP B 282 10.28 -1.10 -6.90
N GLN B 283 10.29 -2.43 -6.82
CA GLN B 283 10.41 -3.22 -8.04
C GLN B 283 9.25 -2.95 -8.99
N HIS B 284 8.04 -2.78 -8.45
CA HIS B 284 6.89 -2.51 -9.28
C HIS B 284 6.84 -1.05 -9.72
N ALA B 285 7.17 -0.13 -8.81
CA ALA B 285 7.08 1.29 -9.13
C ALA B 285 8.09 1.70 -10.21
N LEU B 286 9.21 0.98 -10.30
CA LEU B 286 10.29 1.35 -11.21
C LEU B 286 10.38 0.39 -12.39
N GLN B 287 9.26 -0.23 -12.76
CA GLN B 287 9.21 -1.09 -13.93
C GLN B 287 9.46 -0.31 -15.20
N ASP B 288 10.23 -0.91 -16.11
CA ASP B 288 10.45 -0.36 -17.45
C ASP B 288 10.93 1.09 -17.39
N LEU B 289 11.86 1.34 -16.49
CA LEU B 289 12.46 2.65 -16.31
C LEU B 289 13.38 2.96 -17.48
N PRO B 290 13.45 4.21 -17.92
CA PRO B 290 14.49 4.59 -18.89
C PRO B 290 15.86 4.35 -18.31
N ASP B 291 16.77 3.87 -19.15
CA ASP B 291 18.17 3.76 -18.72
C ASP B 291 18.72 5.14 -18.36
N GLU B 292 18.41 6.12 -19.19
CA GLU B 292 18.83 7.50 -18.98
C GLU B 292 17.92 8.38 -19.82
N LEU B 293 17.83 9.65 -19.41
CA LEU B 293 17.02 10.61 -20.13
C LEU B 293 17.82 11.27 -21.23
N ASP B 294 17.15 11.54 -22.35
CA ASP B 294 17.77 12.15 -23.53
C ASP B 294 17.77 13.65 -23.33
N LEU B 295 18.84 14.16 -22.72
CA LEU B 295 19.01 15.58 -22.48
C LEU B 295 20.08 16.17 -23.38
N PRO B 296 19.92 17.43 -23.81
CA PRO B 296 20.97 18.08 -24.59
C PRO B 296 22.18 18.37 -23.72
N THR B 297 23.33 17.86 -24.11
CA THR B 297 24.57 18.11 -23.40
C THR B 297 25.59 18.72 -24.35
N ASP B 298 26.60 19.37 -23.79
CA ASP B 298 27.67 19.90 -24.61
C ASP B 298 28.60 18.79 -25.10
N ARG B 299 28.68 17.69 -24.37
CA ARG B 299 29.52 16.56 -24.77
C ARG B 299 28.75 15.27 -24.53
N PRO B 300 28.98 14.25 -25.33
CA PRO B 300 28.36 12.95 -25.07
C PRO B 300 28.98 12.30 -23.85
N ARG B 301 28.25 11.35 -23.30
CA ARG B 301 28.69 10.69 -22.07
C ARG B 301 30.01 9.96 -22.29
N PRO B 302 31.03 10.22 -21.47
CA PRO B 302 32.29 9.49 -21.60
C PRO B 302 32.19 8.10 -20.96
N ALA B 303 33.20 7.27 -21.25
CA ALA B 303 33.17 5.87 -20.84
C ALA B 303 33.11 5.71 -19.32
N THR B 304 33.72 6.63 -18.58
CA THR B 304 33.62 6.64 -17.12
C THR B 304 33.29 8.05 -16.64
N ALA B 305 32.40 8.11 -15.64
CA ALA B 305 31.98 9.39 -15.07
C ALA B 305 33.11 9.92 -14.19
N SER B 306 33.70 11.04 -14.59
CA SER B 306 34.89 11.53 -13.90
C SER B 306 34.58 12.18 -12.55
N HIS B 307 33.32 12.53 -12.30
CA HIS B 307 32.90 13.27 -11.11
C HIS B 307 33.49 14.68 -11.05
N ARG B 308 34.10 15.16 -12.13
CA ARG B 308 34.41 16.57 -12.22
C ARG B 308 33.12 17.38 -12.33
N GLY B 309 33.09 18.53 -11.68
CA GLY B 309 31.84 19.29 -11.73
C GLY B 309 32.06 20.76 -11.47
N GLY B 310 30.96 21.51 -11.62
CA GLY B 310 30.91 22.91 -11.25
C GLY B 310 29.62 23.23 -10.53
N LEU B 311 29.49 24.48 -10.11
CA LEU B 311 28.33 24.93 -9.34
C LEU B 311 27.81 26.23 -9.96
N ALA B 312 26.64 26.18 -10.56
CA ALA B 312 25.97 27.36 -11.10
C ALA B 312 24.80 27.73 -10.21
N ARG B 313 24.64 29.03 -9.95
CA ARG B 313 23.64 29.53 -9.03
C ARG B 313 22.64 30.42 -9.75
N ALA B 314 21.37 30.32 -9.35
CA ALA B 314 20.32 31.25 -9.76
C ALA B 314 19.78 31.90 -8.50
N GLU B 315 20.02 33.21 -8.36
CA GLU B 315 19.44 33.94 -7.25
C GLU B 315 17.93 34.03 -7.41
N LEU B 316 17.24 34.06 -6.28
CA LEU B 316 15.79 34.14 -6.28
C LEU B 316 15.36 35.41 -5.57
N PRO B 317 14.67 36.33 -6.24
CA PRO B 317 14.17 37.53 -5.56
C PRO B 317 13.28 37.14 -4.38
N PRO B 318 13.28 37.94 -3.32
CA PRO B 318 12.38 37.66 -2.19
C PRO B 318 10.93 37.49 -2.59
N GLU B 319 10.47 38.27 -3.58
CA GLU B 319 9.08 38.16 -4.04
C GLU B 319 8.81 36.78 -4.63
N LEU B 320 9.79 36.20 -5.34
CA LEU B 320 9.59 34.89 -5.94
C LEU B 320 9.60 33.79 -4.89
N VAL B 321 10.49 33.89 -3.90
CA VAL B 321 10.48 32.91 -2.81
C VAL B 321 9.13 32.91 -2.12
N GLU B 322 8.58 34.09 -1.84
CA GLU B 322 7.26 34.18 -1.23
C GLU B 322 6.20 33.58 -2.14
N ALA B 323 6.25 33.90 -3.43
CA ALA B 323 5.28 33.34 -4.36
C ALA B 323 5.32 31.82 -4.37
N VAL B 324 6.53 31.24 -4.32
CA VAL B 324 6.64 29.77 -4.32
C VAL B 324 6.02 29.19 -3.05
N ARG B 325 6.30 29.81 -1.89
CA ARG B 325 5.65 29.37 -0.66
C ARG B 325 4.14 29.48 -0.77
N ARG B 326 3.64 30.61 -1.28
CA ARG B 326 2.20 30.77 -1.43
C ARG B 326 1.63 29.74 -2.39
N LEU B 327 2.35 29.46 -3.49
CA LEU B 327 1.88 28.45 -4.42
C LEU B 327 1.81 27.07 -3.75
N ALA B 328 2.85 26.71 -3.00
CA ALA B 328 2.87 25.44 -2.30
C ALA B 328 1.72 25.33 -1.30
N ALA B 329 1.52 26.38 -0.49
CA ALA B 329 0.42 26.36 0.47
C ALA B 329 -0.92 26.28 -0.22
N GLN B 330 -1.09 27.02 -1.32
CA GLN B 330 -2.39 27.07 -2.00
C GLN B 330 -2.77 25.71 -2.58
N HIS B 331 -1.79 24.92 -2.99
CA HIS B 331 -2.05 23.62 -3.61
C HIS B 331 -1.80 22.45 -2.66
N GLY B 332 -1.50 22.73 -1.40
CA GLY B 332 -1.29 21.66 -0.43
C GLY B 332 -0.12 20.76 -0.77
N VAL B 333 1.00 21.35 -1.19
CA VAL B 333 2.22 20.62 -1.44
C VAL B 333 3.35 21.35 -0.72
N THR B 334 4.49 20.69 -0.60
CA THR B 334 5.66 21.32 -0.02
C THR B 334 6.39 22.17 -1.07
N VAL B 335 7.29 23.03 -0.59
CA VAL B 335 8.12 23.80 -1.49
C VAL B 335 8.98 22.88 -2.34
N PHE B 336 9.48 21.79 -1.73
CA PHE B 336 10.24 20.80 -2.49
C PHE B 336 9.43 20.25 -3.67
N MET B 337 8.14 19.96 -3.44
CA MET B 337 7.33 19.40 -4.51
C MET B 337 7.17 20.37 -5.67
N VAL B 338 7.08 21.66 -5.38
CA VAL B 338 7.02 22.66 -6.44
C VAL B 338 8.32 22.66 -7.24
N VAL B 339 9.46 22.66 -6.54
CA VAL B 339 10.74 22.63 -7.24
C VAL B 339 10.89 21.35 -8.05
N GLN B 340 10.52 20.22 -7.45
CA GLN B 340 10.56 18.95 -8.16
C GLN B 340 9.71 19.00 -9.43
N ALA B 341 8.49 19.49 -9.31
CA ALA B 341 7.63 19.63 -10.49
C ALA B 341 8.30 20.53 -11.53
N ALA B 342 8.89 21.65 -11.10
CA ALA B 342 9.53 22.56 -12.04
C ALA B 342 10.71 21.88 -12.74
N VAL B 343 11.48 21.07 -12.01
CA VAL B 343 12.59 20.36 -12.65
C VAL B 343 12.06 19.38 -13.68
N ALA B 344 10.99 18.65 -13.35
CA ALA B 344 10.40 17.74 -14.31
C ALA B 344 9.93 18.47 -15.56
N VAL B 345 9.32 19.66 -15.38
CA VAL B 345 8.88 20.43 -16.54
C VAL B 345 10.07 20.83 -17.39
N LEU B 346 11.16 21.26 -16.76
CA LEU B 346 12.34 21.69 -17.51
C LEU B 346 12.89 20.56 -18.37
N LEU B 347 13.14 19.39 -17.76
CA LEU B 347 13.64 18.25 -18.51
C LEU B 347 12.67 17.84 -19.61
N HIS B 348 11.37 17.88 -19.29
CA HIS B 348 10.34 17.57 -20.29
C HIS B 348 10.46 18.49 -21.50
N ARG B 349 10.53 19.80 -21.27
CA ARG B 349 10.64 20.74 -22.38
C ARG B 349 11.96 20.61 -23.11
N LEU B 350 12.99 20.03 -22.47
CA LEU B 350 14.25 19.76 -23.14
C LEU B 350 14.18 18.54 -24.04
N GLY B 351 13.08 17.80 -24.03
CA GLY B 351 12.93 16.62 -24.86
C GLY B 351 13.12 15.30 -24.14
N ALA B 352 13.14 15.28 -22.81
CA ALA B 352 13.37 14.05 -22.07
C ALA B 352 12.20 13.08 -22.13
N GLY B 353 11.03 13.52 -22.58
CA GLY B 353 9.86 12.66 -22.64
C GLY B 353 8.89 12.90 -21.50
N ASP B 354 8.00 11.93 -21.32
CA ASP B 354 6.93 12.03 -20.34
C ASP B 354 7.20 11.25 -19.05
N ASP B 355 8.23 10.41 -19.03
CA ASP B 355 8.55 9.55 -17.89
C ASP B 355 9.83 10.11 -17.28
N ILE B 356 9.70 10.84 -16.18
CA ILE B 356 10.79 11.65 -15.62
C ILE B 356 11.15 11.09 -14.25
N PRO B 357 12.20 10.28 -14.15
CA PRO B 357 12.67 9.84 -12.84
C PRO B 357 13.68 10.83 -12.25
N LEU B 358 13.36 11.39 -11.09
CA LEU B 358 14.24 12.31 -10.39
C LEU B 358 14.67 11.68 -9.07
N GLY B 359 15.97 11.61 -8.83
CA GLY B 359 16.46 11.19 -7.53
C GLY B 359 16.28 12.27 -6.50
N SER B 360 16.07 11.85 -5.24
CA SER B 360 15.93 12.87 -4.22
C SER B 360 16.35 12.32 -2.87
N PRO B 361 17.08 13.10 -2.06
CA PRO B 361 17.45 12.63 -0.73
C PRO B 361 16.33 12.87 0.26
N VAL B 362 16.05 11.87 1.08
CA VAL B 362 14.96 11.90 2.04
C VAL B 362 15.53 11.57 3.41
N ALA B 363 15.42 12.52 4.34
CA ALA B 363 16.03 12.38 5.65
C ALA B 363 15.23 11.41 6.52
N ASP B 364 15.94 10.55 7.23
CA ASP B 364 15.32 9.59 8.15
C ASP B 364 15.50 10.05 9.58
N ARG B 365 14.98 11.25 9.89
CA ARG B 365 15.27 11.93 11.15
C ARG B 365 14.03 12.18 12.00
N ALA B 366 12.97 11.37 11.83
CA ALA B 366 11.74 11.63 12.58
C ALA B 366 11.90 11.32 14.07
N ASP B 367 12.76 10.36 14.42
CA ASP B 367 12.94 10.00 15.82
C ASP B 367 13.60 11.16 16.56
N GLU B 368 13.00 11.56 17.68
CA GLU B 368 13.50 12.72 18.42
C GLU B 368 14.94 12.52 18.86
N ALA B 369 15.39 11.27 19.00
CA ALA B 369 16.76 11.01 19.42
C ALA B 369 17.79 11.34 18.35
N VAL B 370 17.39 11.44 17.08
CA VAL B 370 18.30 11.82 16.01
C VAL B 370 17.80 13.01 15.22
N HIS B 371 16.67 13.61 15.62
CA HIS B 371 16.06 14.69 14.85
C HIS B 371 17.05 15.82 14.60
N ASP B 372 17.98 16.06 15.53
CA ASP B 372 18.85 17.22 15.48
C ASP B 372 20.31 16.85 15.75
N THR B 373 20.72 15.63 15.42
CA THR B 373 22.07 15.18 15.73
C THR B 373 22.96 15.16 14.49
N VAL B 374 24.22 14.77 14.70
CA VAL B 374 25.23 14.70 13.65
C VAL B 374 25.28 13.29 13.08
N GLY B 375 25.16 13.18 11.77
CA GLY B 375 25.22 11.89 11.09
C GLY B 375 24.64 12.02 9.71
N PHE B 376 24.71 10.90 8.97
CA PHE B 376 24.18 10.85 7.62
C PHE B 376 22.88 10.05 7.62
N PHE B 377 21.77 10.70 7.33
CA PHE B 377 20.44 10.10 7.40
C PHE B 377 19.67 10.17 6.08
N LEU B 378 20.34 10.48 4.97
CA LEU B 378 19.65 10.70 3.71
C LEU B 378 19.62 9.41 2.89
N ASN B 379 18.46 8.79 2.79
CA ASN B 379 18.31 7.77 1.78
C ASN B 379 18.00 8.44 0.45
N THR B 380 18.33 7.76 -0.64
CA THR B 380 18.07 8.28 -1.97
C THR B 380 16.88 7.53 -2.55
N LEU B 381 15.84 8.28 -2.93
CA LEU B 381 14.65 7.70 -3.52
C LEU B 381 14.51 8.16 -4.97
N VAL B 382 13.94 7.28 -5.79
CA VAL B 382 13.63 7.62 -7.17
C VAL B 382 12.18 8.07 -7.22
N LEU B 383 11.97 9.36 -7.54
CA LEU B 383 10.63 9.94 -7.63
C LEU B 383 10.26 10.02 -9.11
N ARG B 384 9.40 9.11 -9.55
CA ARG B 384 9.09 8.92 -10.96
C ARG B 384 7.74 9.57 -11.25
N VAL B 385 7.78 10.73 -11.91
CA VAL B 385 6.56 11.47 -12.23
C VAL B 385 6.30 11.37 -13.72
N ASN B 386 5.03 11.27 -14.09
CA ASN B 386 4.61 11.17 -15.48
C ASN B 386 3.99 12.48 -15.92
N LEU B 387 4.37 12.94 -17.12
CA LEU B 387 3.88 14.21 -17.65
C LEU B 387 3.04 14.03 -18.91
N SER B 388 2.46 12.84 -19.11
CA SER B 388 1.62 12.61 -20.27
C SER B 388 0.28 13.32 -20.10
N GLY B 389 -0.35 13.62 -21.24
CA GLY B 389 -1.66 14.24 -21.25
C GLY B 389 -1.67 15.75 -21.15
N ASN B 390 -0.53 16.40 -21.43
CA ASN B 390 -0.30 17.83 -21.26
C ASN B 390 -1.05 18.38 -20.04
N PRO B 391 -0.61 18.08 -18.84
CA PRO B 391 -1.25 18.63 -17.65
C PRO B 391 -0.87 20.10 -17.44
N THR B 392 -1.71 20.79 -16.70
CA THR B 392 -1.33 22.09 -16.17
C THR B 392 -0.31 21.90 -15.05
N PHE B 393 0.37 22.99 -14.69
CA PHE B 393 1.31 22.90 -13.57
C PHE B 393 0.58 22.51 -12.29
N ALA B 394 -0.64 23.04 -12.11
CA ALA B 394 -1.44 22.64 -10.96
C ALA B 394 -1.78 21.17 -10.99
N ASP B 395 -2.13 20.65 -12.18
CA ASP B 395 -2.31 19.21 -12.35
C ASP B 395 -1.05 18.46 -11.94
N LEU B 396 0.12 18.94 -12.35
CA LEU B 396 1.36 18.23 -12.08
C LEU B 396 1.69 18.21 -10.60
N LEU B 397 1.32 19.28 -9.88
CA LEU B 397 1.57 19.30 -8.44
C LEU B 397 0.79 18.20 -7.74
N ASP B 398 -0.46 17.97 -8.15
CA ASP B 398 -1.22 16.85 -7.61
C ASP B 398 -0.57 15.53 -7.97
N ARG B 399 -0.09 15.39 -9.21
CA ARG B 399 0.61 14.17 -9.61
C ARG B 399 1.87 13.96 -8.77
N VAL B 400 2.66 15.02 -8.61
CA VAL B 400 3.89 14.91 -7.82
C VAL B 400 3.56 14.55 -6.37
N ARG B 401 2.53 15.17 -5.80
CA ARG B 401 2.19 14.85 -4.41
C ARG B 401 1.85 13.38 -4.24
N ALA B 402 1.07 12.81 -5.16
CA ALA B 402 0.70 11.41 -5.04
C ALA B 402 1.90 10.51 -5.24
N VAL B 403 2.77 10.82 -6.21
CA VAL B 403 3.99 10.05 -6.41
C VAL B 403 4.85 10.11 -5.15
N ASP B 404 5.02 11.32 -4.60
CA ASP B 404 5.94 11.49 -3.47
C ASP B 404 5.42 10.81 -2.21
N LEU B 405 4.11 10.96 -1.92
CA LEU B 405 3.56 10.35 -0.71
C LEU B 405 3.64 8.83 -0.77
N GLU B 406 3.42 8.25 -1.96
CA GLU B 406 3.60 6.80 -2.09
C GLU B 406 5.05 6.41 -1.86
N ALA B 407 5.99 7.18 -2.41
CA ALA B 407 7.41 6.86 -2.24
C ALA B 407 7.85 7.07 -0.78
N PHE B 408 7.33 8.11 -0.13
CA PHE B 408 7.76 8.42 1.24
C PHE B 408 7.30 7.36 2.23
N ALA B 409 6.25 6.60 1.92
CA ALA B 409 5.84 5.47 2.76
C ALA B 409 6.70 4.23 2.56
N ARG B 410 7.66 4.26 1.63
CA ARG B 410 8.64 3.20 1.44
C ARG B 410 10.03 3.80 1.36
N ALA B 411 10.34 4.73 2.27
CA ALA B 411 11.60 5.45 2.24
C ALA B 411 12.74 4.71 2.91
N ASP B 412 12.50 3.52 3.47
CA ASP B 412 13.51 2.83 4.25
C ASP B 412 14.33 1.83 3.46
N ALA B 413 13.83 1.37 2.31
CA ALA B 413 14.58 0.43 1.49
C ALA B 413 15.88 1.09 1.01
N PRO B 414 17.04 0.55 1.37
CA PRO B 414 18.30 1.20 0.96
C PRO B 414 18.38 1.31 -0.55
N PHE B 415 18.86 2.47 -1.02
CA PHE B 415 18.89 2.72 -2.44
C PHE B 415 19.71 1.67 -3.18
N ASP B 416 20.79 1.18 -2.57
CA ASP B 416 21.59 0.17 -3.25
C ASP B 416 20.84 -1.16 -3.35
N ALA B 417 19.96 -1.45 -2.38
CA ALA B 417 19.13 -2.65 -2.51
C ALA B 417 18.04 -2.45 -3.56
N VAL B 418 17.53 -1.22 -3.71
CA VAL B 418 16.57 -0.94 -4.77
C VAL B 418 17.22 -1.16 -6.14
N VAL B 419 18.44 -0.66 -6.33
CA VAL B 419 19.16 -0.88 -7.58
C VAL B 419 19.32 -2.37 -7.84
N ASP B 420 19.71 -3.12 -6.81
CA ASP B 420 19.90 -4.56 -6.96
C ASP B 420 18.60 -5.27 -7.29
N THR B 421 17.47 -4.74 -6.81
CA THR B 421 16.18 -5.36 -7.09
C THR B 421 15.65 -4.99 -8.47
N VAL B 422 15.83 -3.73 -8.88
CA VAL B 422 15.36 -3.30 -10.19
C VAL B 422 16.24 -3.87 -11.30
N LYS B 423 17.52 -4.06 -11.01
CA LYS B 423 18.49 -4.59 -11.97
C LYS B 423 18.54 -3.79 -13.26
N PRO B 424 18.85 -2.50 -13.19
CA PRO B 424 18.98 -1.71 -14.42
C PRO B 424 20.23 -2.13 -15.18
N PRO B 425 20.31 -1.86 -16.47
CA PRO B 425 21.56 -2.11 -17.19
C PRO B 425 22.68 -1.28 -16.59
N ARG B 426 23.61 -1.92 -15.91
CA ARG B 426 24.64 -1.20 -15.18
C ARG B 426 25.72 -0.68 -16.12
N ALA B 427 26.18 0.53 -15.85
CA ALA B 427 27.26 1.12 -16.61
C ALA B 427 27.97 2.12 -15.71
N VAL B 428 29.32 2.09 -15.74
CA VAL B 428 30.13 3.00 -14.93
C VAL B 428 30.13 4.41 -15.52
N SER B 429 29.48 4.61 -16.66
CA SER B 429 29.35 5.92 -17.28
C SER B 429 28.21 6.75 -16.70
N ARG B 430 27.33 6.16 -15.91
CA ARG B 430 26.18 6.90 -15.44
C ARG B 430 25.67 6.33 -14.13
N HIS B 431 25.02 7.19 -13.36
CA HIS B 431 24.40 6.75 -12.13
C HIS B 431 23.14 5.93 -12.45
N PRO B 432 22.89 4.84 -11.74
CA PRO B 432 21.74 3.99 -12.07
C PRO B 432 20.41 4.60 -11.62
N LEU B 433 19.38 4.31 -12.42
CA LEU B 433 17.97 4.63 -12.14
C LEU B 433 17.63 6.10 -12.39
N PHE B 434 18.54 7.01 -12.06
CA PHE B 434 18.33 8.43 -12.34
C PHE B 434 19.69 9.09 -12.50
N GLN B 435 19.72 10.21 -13.22
CA GLN B 435 20.94 10.99 -13.33
C GLN B 435 20.76 12.46 -12.98
N THR B 436 19.54 12.88 -12.64
CA THR B 436 19.26 14.21 -12.12
C THR B 436 18.64 14.06 -10.75
N MET B 437 19.20 14.77 -9.77
CA MET B 437 18.68 14.81 -8.42
C MET B 437 18.11 16.20 -8.14
N VAL B 438 17.06 16.24 -7.31
CA VAL B 438 16.49 17.49 -6.83
C VAL B 438 16.29 17.38 -5.33
N SER B 439 16.61 18.46 -4.61
CA SER B 439 16.42 18.48 -3.17
C SER B 439 16.03 19.87 -2.71
N TYR B 440 15.51 19.91 -1.49
CA TYR B 440 15.27 21.13 -0.75
C TYR B 440 16.14 21.11 0.49
N GLN B 441 16.83 22.21 0.76
CA GLN B 441 17.68 22.31 1.93
C GLN B 441 17.45 23.64 2.62
N ARG B 442 17.66 23.65 3.94
CA ARG B 442 17.52 24.87 4.73
C ARG B 442 18.71 24.98 5.66
N ARG B 443 19.48 26.05 5.52
CA ARG B 443 20.67 26.26 6.32
C ARG B 443 20.31 26.71 7.73
N PRO B 444 21.22 26.54 8.68
CA PRO B 444 20.89 26.87 10.08
C PRO B 444 20.54 28.34 10.27
N SER B 445 19.58 28.58 11.16
CA SER B 445 19.24 29.91 11.60
C SER B 445 20.08 30.29 12.82
N ASP B 446 20.18 31.60 13.06
CA ASP B 446 20.82 32.14 14.26
C ASP B 446 22.26 31.66 14.40
N VAL B 447 23.02 31.76 13.31
CA VAL B 447 24.44 31.45 13.34
C VAL B 447 25.23 32.71 12.98
N ASP B 448 24.69 33.87 13.35
CA ASP B 448 25.31 35.14 13.03
C ASP B 448 26.24 35.65 14.12
N ARG B 449 26.25 35.04 15.30
CA ARG B 449 27.03 35.54 16.43
C ARG B 449 27.84 34.43 17.09
N LEU B 450 28.40 33.53 16.30
CA LEU B 450 29.13 32.39 16.85
C LEU B 450 30.56 32.78 17.22
N PHE B 451 31.13 32.03 18.15
CA PHE B 451 32.53 32.18 18.58
C PHE B 451 32.81 33.55 19.16
N GLY B 452 31.78 34.19 19.72
CA GLY B 452 31.96 35.54 20.26
C GLY B 452 32.32 36.58 19.23
N ALA B 453 31.93 36.37 17.97
CA ALA B 453 32.25 37.31 16.91
C ALA B 453 31.04 37.45 16.01
N ALA B 454 31.24 38.04 14.83
CA ALA B 454 30.20 38.15 13.81
C ALA B 454 30.46 37.12 12.71
N THR B 455 29.44 36.31 12.42
CA THR B 455 29.62 35.15 11.56
C THR B 455 28.52 35.07 10.52
N ARG B 456 28.82 34.37 9.42
CA ARG B 456 27.85 34.11 8.38
C ARG B 456 28.33 32.94 7.53
N LEU B 457 27.39 32.13 7.07
CA LEU B 457 27.75 31.01 6.22
C LEU B 457 28.24 31.51 4.87
N VAL B 458 29.14 30.74 4.27
CA VAL B 458 29.67 30.98 2.94
C VAL B 458 29.47 29.71 2.13
N GLU B 459 28.76 29.81 1.00
CA GLU B 459 28.60 28.65 0.15
C GLU B 459 29.92 28.36 -0.58
N VAL B 460 30.13 27.11 -0.95
CA VAL B 460 31.39 26.65 -1.52
C VAL B 460 31.15 26.24 -2.96
N PRO B 461 31.92 26.77 -3.92
CA PRO B 461 31.72 26.40 -5.33
C PRO B 461 32.39 25.07 -5.71
N LEU B 462 31.66 23.97 -5.56
CA LEU B 462 32.24 22.64 -5.70
C LEU B 462 32.92 22.44 -7.05
N ASP B 463 34.02 21.68 -7.03
CA ASP B 463 34.73 21.27 -8.24
C ASP B 463 34.34 19.85 -8.68
N THR B 464 33.35 19.26 -8.03
CA THR B 464 32.97 17.87 -8.24
C THR B 464 31.47 17.81 -8.46
N ALA B 465 30.99 16.66 -8.94
CA ALA B 465 29.56 16.44 -9.12
C ALA B 465 29.28 14.95 -8.99
N LYS B 466 28.12 14.63 -8.42
CA LYS B 466 27.78 13.24 -8.15
C LYS B 466 26.98 12.59 -9.26
N PHE B 467 26.23 13.39 -10.02
CA PHE B 467 25.32 12.87 -11.04
C PHE B 467 25.58 13.63 -12.33
N ASP B 468 24.63 13.55 -13.27
CA ASP B 468 24.64 14.47 -14.41
C ASP B 468 24.29 15.88 -13.97
N LEU B 469 23.21 16.02 -13.19
CA LEU B 469 22.67 17.28 -12.73
C LEU B 469 22.13 17.10 -11.33
N GLU B 470 22.44 18.05 -10.43
CA GLU B 470 21.79 18.09 -9.12
C GLU B 470 21.31 19.51 -8.86
N PHE B 471 19.99 19.68 -8.78
CA PHE B 471 19.36 20.94 -8.42
C PHE B 471 19.01 20.94 -6.94
N ALA B 472 19.33 22.03 -6.26
CA ALA B 472 18.96 22.19 -4.85
C ALA B 472 18.37 23.56 -4.64
N PHE B 473 17.16 23.60 -4.07
CA PHE B 473 16.55 24.83 -3.58
C PHE B 473 17.04 25.01 -2.15
N ILE B 474 17.83 26.06 -1.91
CA ILE B 474 18.57 26.23 -0.65
C ILE B 474 18.10 27.52 0.01
N GLU B 475 17.44 27.40 1.15
CA GLU B 475 17.10 28.55 1.98
C GLU B 475 18.27 28.83 2.93
N ASP B 476 18.59 30.11 3.08
CA ASP B 476 19.79 30.47 3.85
C ASP B 476 19.55 30.56 5.35
N GLY B 477 18.34 30.33 5.82
CA GLY B 477 18.06 30.40 7.23
C GLY B 477 17.72 31.79 7.75
N HIS B 478 17.87 32.82 6.94
CA HIS B 478 17.41 34.16 7.29
C HIS B 478 16.53 34.73 6.19
N GLY B 479 15.60 33.92 5.67
CA GLY B 479 14.57 34.35 4.75
C GLY B 479 14.88 34.10 3.28
N GLY B 480 16.16 34.18 2.88
CA GLY B 480 16.51 34.10 1.47
C GLY B 480 16.65 32.68 0.96
N ALA B 481 16.73 32.58 -0.37
CA ALA B 481 16.88 31.29 -1.01
C ALA B 481 17.52 31.47 -2.38
N HIS B 482 18.20 30.43 -2.84
CA HIS B 482 18.76 30.38 -4.19
C HIS B 482 18.68 28.94 -4.69
N ILE B 483 18.86 28.77 -6.00
CA ILE B 483 18.93 27.45 -6.61
C ILE B 483 20.38 27.18 -6.98
N ALA B 484 20.91 26.04 -6.54
CA ALA B 484 22.25 25.61 -6.88
C ALA B 484 22.16 24.43 -7.84
N LEU B 485 22.88 24.52 -8.95
CA LEU B 485 23.00 23.42 -9.90
C LEU B 485 24.43 22.90 -9.84
N ASN B 486 24.59 21.69 -9.32
CA ASN B 486 25.86 20.97 -9.32
C ASN B 486 25.85 20.04 -10.52
N TYR B 487 26.63 20.37 -11.55
CA TYR B 487 26.55 19.72 -12.85
C TYR B 487 27.85 18.96 -13.17
N ALA B 488 27.72 17.89 -13.95
CA ALA B 488 28.89 17.13 -14.37
C ALA B 488 29.62 17.89 -15.48
N ALA B 489 30.87 18.24 -15.23
CA ALA B 489 31.67 18.94 -16.24
C ALA B 489 31.95 18.05 -17.45
N ASP B 490 31.89 16.72 -17.28
CA ASP B 490 31.97 15.82 -18.43
C ASP B 490 30.95 16.19 -19.51
N LEU B 491 29.76 16.63 -19.10
CA LEU B 491 28.63 16.79 -20.00
C LEU B 491 28.28 18.24 -20.30
N PHE B 492 28.48 19.16 -19.37
CA PHE B 492 28.00 20.53 -19.51
C PHE B 492 29.13 21.52 -19.32
N ASP B 493 29.16 22.54 -20.17
CA ASP B 493 29.97 23.72 -19.91
C ASP B 493 29.29 24.57 -18.84
N HIS B 494 30.08 25.43 -18.20
CA HIS B 494 29.54 26.24 -17.12
C HIS B 494 28.44 27.16 -17.61
N ASP B 495 28.60 27.77 -18.79
CA ASP B 495 27.56 28.69 -19.26
C ASP B 495 26.26 27.95 -19.56
N SER B 496 26.35 26.73 -20.09
CA SER B 496 25.16 25.91 -20.26
C SER B 496 24.46 25.66 -18.93
N ALA B 497 25.25 25.36 -17.89
CA ALA B 497 24.66 25.15 -16.57
C ALA B 497 23.98 26.42 -16.06
N GLU B 498 24.60 27.58 -16.29
CA GLU B 498 23.99 28.83 -15.87
C GLU B 498 22.65 29.05 -16.56
N GLN B 499 22.56 28.71 -17.85
CA GLN B 499 21.31 28.86 -18.56
C GLN B 499 20.26 27.87 -18.09
N LEU B 500 20.68 26.64 -17.78
CA LEU B 500 19.73 25.65 -17.29
C LEU B 500 19.10 26.09 -15.97
N VAL B 501 19.90 26.62 -15.04
CA VAL B 501 19.33 26.98 -13.76
C VAL B 501 18.53 28.27 -13.87
N ALA B 502 18.92 29.18 -14.76
CA ALA B 502 18.07 30.33 -15.05
C ALA B 502 16.73 29.88 -15.61
N ARG B 503 16.74 28.88 -16.49
CA ARG B 503 15.50 28.36 -17.04
C ARG B 503 14.62 27.75 -15.96
N LEU B 504 15.23 27.06 -14.98
CA LEU B 504 14.46 26.57 -13.85
C LEU B 504 13.79 27.72 -13.11
N ARG B 505 14.52 28.81 -12.89
CA ARG B 505 13.94 30.01 -12.28
CA ARG B 505 13.92 29.98 -12.27
C ARG B 505 12.73 30.48 -13.09
N THR B 506 12.86 30.49 -14.41
CA THR B 506 11.76 30.97 -15.27
C THR B 506 10.54 30.08 -15.17
N VAL B 507 10.74 28.76 -15.08
CA VAL B 507 9.62 27.83 -14.91
C VAL B 507 8.87 28.14 -13.62
N LEU B 508 9.62 28.33 -12.52
CA LEU B 508 8.99 28.67 -11.25
C LEU B 508 8.23 29.99 -11.35
N GLU B 509 8.81 30.98 -12.01
CA GLU B 509 8.14 32.27 -12.16
C GLU B 509 6.84 32.13 -12.94
N HIS B 510 6.86 31.38 -14.05
CA HIS B 510 5.63 31.17 -14.81
C HIS B 510 4.60 30.39 -14.01
N ALA B 511 5.05 29.39 -13.26
CA ALA B 511 4.12 28.54 -12.50
C ALA B 511 3.38 29.33 -11.43
N CYS B 512 4.10 30.20 -10.70
CA CYS B 512 3.44 31.03 -9.70
C CYS B 512 2.49 32.02 -10.35
N ALA B 513 2.89 32.63 -11.47
CA ALA B 513 2.05 33.60 -12.14
C ALA B 513 0.74 32.98 -12.60
N ASP B 514 0.81 31.79 -13.22
CA ASP B 514 -0.38 31.14 -13.75
C ASP B 514 -0.17 29.63 -13.71
N PRO B 515 -0.50 28.99 -12.58
CA PRO B 515 -0.36 27.53 -12.49
C PRO B 515 -1.36 26.76 -13.35
N CYS B 516 -2.29 27.43 -14.01
CA CYS B 516 -3.25 26.76 -14.88
C CYS B 516 -2.76 26.61 -16.31
N ARG B 517 -1.51 27.04 -16.61
CA ARG B 517 -1.10 26.89 -18.00
C ARG B 517 -0.36 25.56 -18.19
N PRO B 518 -0.45 24.98 -19.38
CA PRO B 518 0.13 23.65 -19.59
C PRO B 518 1.65 23.67 -19.56
N VAL B 519 2.22 22.48 -19.37
CA VAL B 519 3.67 22.30 -19.44
C VAL B 519 4.10 22.00 -20.87
C01 XAG C . 6.48 -19.47 28.68
C02 XAG C . 5.38 -18.82 29.51
C03 XAG C . 4.21 -18.47 28.60
C09 XAG C . 5.87 -17.53 30.18
C10 XAG C . 6.80 -17.82 31.36
C12 XAG C . 7.31 -17.66 33.78
C13 XAG C . 8.15 -16.42 34.08
C14 XAG C . 8.84 -16.40 35.44
C16 XAG C . 10.52 -15.43 37.02
C17 XAG C . 11.71 -16.40 37.04
C19 XAG C . 13.75 -15.01 38.63
C20 XAG C . 13.67 -14.06 39.83
C25 XAG C . 4.90 -19.80 30.59
N11 XAG C . 6.42 -17.38 32.67
N15 XAG C . 9.88 -15.42 35.71
N21 XAG C . 14.75 -13.08 39.80
O04 XAG C . 3.72 -19.66 28.06
O07 XAG C . 1.38 -18.68 27.51
O08 XAG C . 1.93 -21.00 26.80
O22 XAG C . 8.56 -17.20 36.26
O23 XAG C . 7.82 -18.40 31.22
O24 XAG C . 4.76 -16.82 30.67
P05 XAG C . 2.47 -19.60 27.00
S18 XAG C . 12.44 -16.29 38.70
C01 XAG D . -15.45 22.40 23.61
C02 XAG D . -14.85 21.95 24.95
C03 XAG D . -13.41 21.53 24.70
C09 XAG D . -15.63 20.78 25.56
C10 XAG D . -17.00 21.23 26.08
C12 XAG D . -18.56 21.44 27.97
C13 XAG D . -19.45 20.21 28.17
C14 XAG D . -20.68 20.42 29.05
C16 XAG D . -22.87 19.61 29.98
C17 XAG D . -23.84 20.63 29.38
C19 XAG D . -26.32 19.40 30.30
C20 XAG D . -26.78 18.79 31.63
C25 XAG D . -14.83 23.12 25.94
N11 XAG D . -17.27 21.03 27.48
N15 XAG D . -21.71 19.40 29.13
N21 XAG D . -27.79 17.77 31.37
O04 XAG D . -12.77 22.57 24.02
O07 XAG D . -10.45 21.66 24.78
O08 XAG D . -10.55 23.78 23.44
O22 XAG D . -20.79 21.43 29.66
O23 XAG D . -17.81 21.72 25.37
O24 XAG D . -14.92 20.31 26.67
P05 XAG D . -11.15 22.42 23.67
S18 XAG D . -25.22 20.82 30.56
#